data_7E0K
#
_entry.id   7E0K
#
_cell.length_a   1.00
_cell.length_b   1.00
_cell.length_c   1.00
_cell.angle_alpha   90.00
_cell.angle_beta   90.00
_cell.angle_gamma   90.00
#
_symmetry.space_group_name_H-M   'P 1'
#
loop_
_entity.id
_entity.type
_entity.pdbx_description
1 polymer 'Chlorophyll a-b binding protein, chloroplastic'
2 polymer 'Chlorophyll a-b binding protein, chloroplastic'
3 polymer 'Chlorophyll a-b binding protein, chloroplastic'
4 non-polymer 'CHLOROPHYLL B'
5 non-polymer 'CHLOROPHYLL A'
6 non-polymer "(3R,3'R,6S)-4,5-DIDEHYDRO-5,6-DIHYDRO-BETA,BETA-CAROTENE-3,3'-DIOL"
7 non-polymer "(3S,5R,6S,3'S,5'R,6'S)-5,6,5',6'-DIEPOXY-5,6,5',6'- TETRAHYDRO-BETA,BETA-CAROTENE-3,3'-DIOL"
8 non-polymer (1R,3R)-6-{(3E,5E,7E,9E,11E,13E,15E,17E)-18-[(1S,4R,6R)-4-HYDROXY-2,2,6-TRIMETHYL-7-OXABICYCLO[4.1.0]HEPT-1-YL]-3,7,12,16-TETRAMETHYLOCTADECA-1,3,5,7,9,11,13,15,17-NONAENYLIDENE}-1,5,5-TRIMETHYLCYCLOHEXANE-1,3-DIOL
9 non-polymer 1,2-DIPALMITOYL-PHOSPHATIDYL-GLYCEROLE
10 non-polymer 1,2-DISTEAROYL-MONOGALACTOSYL-DIGLYCERIDE
#
loop_
_entity_poly.entity_id
_entity_poly.type
_entity_poly.pdbx_seq_one_letter_code
_entity_poly.pdbx_strand_id
1 'polypeptide(L)'
;MAFALSFSRKALQVSAKATGKKGTGKTAAKQAPASSGIEFYGPNRAKWLGPYSENATPAYLTGEFPGDYGWDTAGLSADP
ETFKRYRELELIHARWAMLGALGCITPELLAKSGTQFGEAVWFKAGAQIFSEGGLDYLGNPSLVHAQNIVATLAVQVILM
GLVEGYRVNGGPAGEGLDPLYPGESFDPLGLADDPDTFAELKVKEIKNGRLAMFSMFGFFVQAIVTGKGPIQNLDDHLSN
PTVNNAFAFATKFTPSA
;
U
2 'polypeptide(L)'
;MMLSRTVVNVQAKLTKKGGAPKKAAPASAQKK(TPO)IREKAGWWSNGGNEKLSAFYGPDRGLWLGPLSGTTPAYLTGEF
PGDYGWDSAGLSADPETFKRYRELELIHARWAMLGALGCITPELLAKNGTPIVEPVWFKAGAQIFAEGGLDYLGNPGLVH
AQSILATLAVQVILMGAIEGYRVNGGPAGEGLDKLHPGGQFFDPLGLAEDPDAFAELKVKEIKNGRLAMFSMFGFFVQAI
VTGKGPLANLDEHLASPFTSNAFTYAQKFTPQ
;
V
3 'polypeptide(L)'
;MAAIMKSAVRSSVRPTVSGRSARVVPRAAIEWYGPDRPKFLGPFSEGDTPAYLTGEFPGDYGWDTAGLSADPETFKRYRE
LELIHARWAMLGALGCITPELLAKNGIPFGEAVWFKAGAQIFAEGGLNYLGNENLIHAQSIIATLAFQVVVMGLAEAYRA
NGGPLGEGLDPLHPGGAFDPLGLADDPDTFAELKVKEIKNGRLAMFSMFGFFVQAIVTGKGPIQNLDDHLANPTAVNAFA
YATKFTPSA
;
W
#
# COMPACT_ATOMS: atom_id res chain seq x y z
N GLU A 39 19.95 29.16 3.15
CA GLU A 39 20.65 28.52 4.26
C GLU A 39 20.67 27.00 4.13
N PHE A 40 19.48 26.43 3.90
CA PHE A 40 19.23 25.01 3.78
C PHE A 40 19.50 24.24 5.07
N TYR A 41 19.70 24.94 6.19
CA TYR A 41 19.82 24.30 7.48
C TYR A 41 19.31 25.26 8.55
N GLY A 42 19.11 24.73 9.74
CA GLY A 42 18.70 25.52 10.86
C GLY A 42 17.23 25.88 10.82
N PRO A 43 16.82 26.79 11.71
CA PRO A 43 15.40 27.17 11.75
C PRO A 43 15.00 28.05 10.58
N ASN A 44 15.94 28.81 10.02
CA ASN A 44 15.65 29.77 8.96
C ASN A 44 15.84 29.17 7.57
N ARG A 45 15.59 27.87 7.42
CA ARG A 45 15.84 27.16 6.19
C ARG A 45 14.67 27.31 5.24
N ALA A 46 14.92 26.98 3.97
CA ALA A 46 13.86 26.92 2.98
C ALA A 46 12.87 25.82 3.33
N LYS A 47 11.59 26.08 3.13
CA LYS A 47 10.58 25.13 3.54
C LYS A 47 9.58 24.91 2.41
N TRP A 48 8.79 23.86 2.60
CA TRP A 48 8.01 23.24 1.54
C TRP A 48 6.84 24.09 1.10
N LEU A 49 6.34 24.95 1.97
CA LEU A 49 5.27 25.87 1.66
C LEU A 49 5.74 27.32 1.64
N GLY A 50 7.04 27.54 1.69
CA GLY A 50 7.59 28.87 1.59
C GLY A 50 7.17 29.76 2.73
N PRO A 51 6.56 30.92 2.43
CA PRO A 51 6.18 31.84 3.49
C PRO A 51 5.08 31.29 4.38
N TYR A 52 4.24 30.42 3.86
CA TYR A 52 3.20 29.85 4.67
C TYR A 52 3.66 28.55 5.30
N SER A 53 4.84 28.57 5.92
CA SER A 53 5.42 27.31 6.47
C SER A 53 5.94 27.47 7.91
N GLU A 54 5.70 28.62 8.55
CA GLU A 54 6.21 28.86 9.93
C GLU A 54 5.58 27.87 10.94
N ASN A 55 4.27 27.62 10.86
CA ASN A 55 3.57 26.76 11.85
C ASN A 55 3.21 25.40 11.25
N ALA A 56 3.76 25.07 10.09
CA ALA A 56 3.46 23.84 9.37
C ALA A 56 4.57 22.81 9.48
N THR A 57 5.58 23.09 10.32
CA THR A 57 6.70 22.19 10.51
C THR A 57 6.65 21.58 11.91
N PRO A 58 6.92 20.29 12.06
CA PRO A 58 6.89 19.69 13.39
C PRO A 58 8.12 20.08 14.20
N ALA A 59 8.04 19.78 15.50
CA ALA A 59 9.14 20.09 16.40
C ALA A 59 10.36 19.20 16.16
N TYR A 60 10.16 18.03 15.57
CA TYR A 60 11.23 17.06 15.39
C TYR A 60 12.00 17.26 14.09
N LEU A 61 11.52 18.09 13.18
CA LEU A 61 12.21 18.34 11.92
C LEU A 61 13.12 19.56 12.05
N THR A 62 14.03 19.46 13.00
CA THR A 62 15.08 20.48 13.12
C THR A 62 15.90 20.49 11.84
N GLY A 63 16.39 21.65 11.47
CA GLY A 63 17.15 21.76 10.25
C GLY A 63 18.52 21.14 10.41
N GLU A 64 18.55 19.83 10.60
CA GLU A 64 19.78 19.08 10.79
C GLU A 64 20.17 18.26 9.59
N PHE A 65 19.19 17.76 8.86
CA PHE A 65 19.42 16.80 7.81
C PHE A 65 19.13 17.41 6.45
N PRO A 66 19.79 16.93 5.40
CA PRO A 66 19.62 17.54 4.07
C PRO A 66 18.20 17.38 3.57
N GLY A 67 17.75 18.37 2.82
CA GLY A 67 16.42 18.33 2.24
C GLY A 67 15.30 18.57 3.22
N ASP A 68 15.61 18.98 4.45
CA ASP A 68 14.59 19.24 5.46
C ASP A 68 13.88 20.53 5.12
N TYR A 69 12.83 20.41 4.33
CA TYR A 69 11.94 21.52 4.03
C TYR A 69 10.76 21.60 4.98
N GLY A 70 10.68 20.67 5.94
CA GLY A 70 9.60 20.68 6.91
C GLY A 70 8.34 19.99 6.46
N TRP A 71 8.44 18.96 5.64
CA TRP A 71 7.27 18.28 5.08
C TRP A 71 7.12 16.94 5.78
N ASP A 72 6.36 16.92 6.87
CA ASP A 72 5.94 15.68 7.50
C ASP A 72 4.49 15.78 7.95
N THR A 73 3.63 16.27 7.05
CA THR A 73 2.23 16.45 7.39
C THR A 73 1.61 15.18 7.91
N ALA A 74 2.07 14.03 7.44
CA ALA A 74 1.54 12.76 7.90
C ALA A 74 2.18 12.27 9.18
N GLY A 75 3.21 12.96 9.67
CA GLY A 75 3.80 12.59 10.94
C GLY A 75 4.47 11.25 10.96
N LEU A 76 4.93 10.77 9.80
CA LEU A 76 5.49 9.43 9.70
C LEU A 76 6.91 9.35 10.20
N SER A 77 7.53 10.46 10.53
CA SER A 77 8.92 10.50 10.97
C SER A 77 9.02 11.11 12.36
N ALA A 78 8.02 10.86 13.20
CA ALA A 78 8.03 11.40 14.55
C ALA A 78 9.08 10.71 15.41
N ASP A 79 9.25 9.41 15.21
CA ASP A 79 10.28 8.68 15.95
C ASP A 79 11.63 8.87 15.29
N PRO A 80 12.67 9.27 16.02
CA PRO A 80 13.96 9.53 15.37
C PRO A 80 14.53 8.32 14.66
N GLU A 81 14.26 7.11 15.15
CA GLU A 81 14.79 5.91 14.51
C GLU A 81 14.06 5.63 13.20
N THR A 82 12.73 5.72 13.23
CA THR A 82 11.98 5.62 11.98
C THR A 82 12.36 6.74 11.03
N PHE A 83 12.69 7.91 11.57
CA PHE A 83 13.13 9.02 10.74
C PHE A 83 14.45 8.69 10.06
N LYS A 84 15.36 8.08 10.78
CA LYS A 84 16.64 7.68 10.20
C LYS A 84 16.45 6.64 9.11
N ARG A 85 15.61 5.64 9.38
CA ARG A 85 15.36 4.61 8.39
C ARG A 85 14.70 5.19 7.14
N TYR A 86 13.77 6.12 7.34
CA TYR A 86 13.11 6.75 6.20
C TYR A 86 14.06 7.65 5.44
N ARG A 87 15.02 8.27 6.13
CA ARG A 87 16.02 9.06 5.42
C ARG A 87 16.89 8.16 4.55
N GLU A 88 17.26 7.00 5.07
CA GLU A 88 18.04 6.06 4.26
C GLU A 88 17.23 5.59 3.05
N LEU A 89 15.96 5.27 3.26
CA LEU A 89 15.12 4.87 2.14
C LEU A 89 15.01 5.99 1.11
N GLU A 90 14.84 7.23 1.58
CA GLU A 90 14.74 8.36 0.67
C GLU A 90 15.98 8.48 -0.17
N LEU A 91 17.15 8.42 0.46
CA LEU A 91 18.39 8.65 -0.28
C LEU A 91 18.69 7.51 -1.23
N ILE A 92 18.40 6.28 -0.84
CA ILE A 92 18.68 5.16 -1.73
C ILE A 92 17.71 5.16 -2.90
N HIS A 93 16.42 5.38 -2.64
CA HIS A 93 15.47 5.56 -3.72
C HIS A 93 15.90 6.69 -4.64
N ALA A 94 16.45 7.76 -4.06
CA ALA A 94 16.86 8.91 -4.83
C ALA A 94 18.00 8.56 -5.78
N ARG A 95 19.02 7.89 -5.26
CA ARG A 95 20.15 7.52 -6.09
C ARG A 95 19.74 6.53 -7.17
N TRP A 96 18.96 5.52 -6.81
CA TRP A 96 18.49 4.56 -7.80
C TRP A 96 17.62 5.24 -8.84
N ALA A 97 16.82 6.23 -8.44
CA ALA A 97 15.95 6.92 -9.36
C ALA A 97 16.70 7.86 -10.27
N MET A 98 17.78 8.45 -9.78
CA MET A 98 18.63 9.24 -10.66
C MET A 98 19.26 8.37 -11.73
N LEU A 99 19.84 7.25 -11.31
CA LEU A 99 20.41 6.33 -12.29
C LEU A 99 19.36 5.88 -13.29
N GLY A 100 18.16 5.57 -12.81
CA GLY A 100 17.12 5.09 -13.70
C GLY A 100 16.56 6.15 -14.61
N ALA A 101 16.46 7.38 -14.13
CA ALA A 101 16.03 8.47 -14.99
C ALA A 101 17.04 8.67 -16.12
N LEU A 102 18.31 8.69 -15.78
CA LEU A 102 19.31 8.80 -16.83
C LEU A 102 19.26 7.60 -17.77
N GLY A 103 19.00 6.42 -17.25
CA GLY A 103 18.98 5.23 -18.08
C GLY A 103 17.77 5.08 -18.96
N CYS A 104 16.66 5.73 -18.59
CA CYS A 104 15.50 5.81 -19.47
C CYS A 104 15.58 6.96 -20.46
N ILE A 105 16.27 8.04 -20.12
CA ILE A 105 16.42 9.14 -21.08
C ILE A 105 17.48 8.80 -22.12
N THR A 106 18.60 8.20 -21.71
CA THR A 106 19.75 8.12 -22.59
C THR A 106 19.49 7.29 -23.84
N PRO A 107 19.01 6.05 -23.74
CA PRO A 107 18.85 5.23 -24.95
C PRO A 107 17.92 5.86 -25.97
N GLU A 108 16.91 6.60 -25.54
CA GLU A 108 15.99 7.20 -26.51
C GLU A 108 16.64 8.36 -27.26
N LEU A 109 17.31 9.25 -26.53
CA LEU A 109 18.11 10.28 -27.17
C LEU A 109 19.05 9.65 -28.20
N LEU A 110 19.87 8.70 -27.76
CA LEU A 110 20.76 8.02 -28.68
C LEU A 110 20.01 7.32 -29.79
N ALA A 111 18.73 7.02 -29.58
CA ALA A 111 17.96 6.29 -30.58
C ALA A 111 17.65 7.18 -31.78
N LYS A 112 17.15 8.38 -31.53
CA LYS A 112 16.91 9.24 -32.69
C LYS A 112 18.18 9.88 -33.20
N SER A 113 19.17 10.09 -32.32
CA SER A 113 20.46 10.64 -32.72
C SER A 113 21.18 9.76 -33.73
N GLY A 114 20.68 8.56 -34.00
CA GLY A 114 21.21 7.76 -35.09
C GLY A 114 21.39 6.28 -34.77
N THR A 115 21.34 5.89 -33.51
CA THR A 115 21.46 4.48 -33.19
C THR A 115 20.11 3.77 -33.28
N GLN A 116 20.17 2.52 -33.73
CA GLN A 116 19.00 1.71 -34.08
C GLN A 116 18.13 1.40 -32.87
N PHE A 117 18.72 0.67 -31.92
CA PHE A 117 18.13 0.30 -30.63
C PHE A 117 16.87 -0.50 -30.89
N GLY A 118 17.04 -1.80 -31.14
CA GLY A 118 15.93 -2.68 -31.46
C GLY A 118 14.67 -2.34 -30.70
N GLU A 119 14.81 -2.05 -29.41
CA GLU A 119 13.71 -1.52 -28.61
C GLU A 119 14.28 -0.42 -27.72
N ALA A 120 14.16 0.83 -28.17
CA ALA A 120 14.74 1.95 -27.45
C ALA A 120 13.89 2.34 -26.25
N VAL A 121 12.56 2.29 -26.38
CA VAL A 121 11.69 2.72 -25.30
C VAL A 121 11.99 1.88 -24.06
N TRP A 122 11.99 2.54 -22.91
CA TRP A 122 12.50 1.93 -21.68
C TRP A 122 11.58 0.85 -21.14
N PHE A 123 10.28 1.01 -21.27
CA PHE A 123 9.35 0.03 -20.74
C PHE A 123 9.12 -1.14 -21.68
N LYS A 124 9.96 -1.28 -22.70
CA LYS A 124 10.06 -2.52 -23.46
C LYS A 124 11.52 -2.89 -23.72
N ALA A 125 12.47 -2.19 -23.09
CA ALA A 125 13.88 -2.52 -23.24
C ALA A 125 14.23 -3.88 -22.65
N GLY A 126 13.36 -4.44 -21.83
CA GLY A 126 13.62 -5.72 -21.21
C GLY A 126 13.20 -6.87 -22.08
N ALA A 127 12.27 -6.61 -22.98
CA ALA A 127 11.76 -7.63 -23.88
C ALA A 127 12.67 -7.86 -25.07
N GLN A 128 13.87 -7.28 -25.06
CA GLN A 128 14.83 -7.54 -26.12
C GLN A 128 15.43 -8.93 -26.03
N ILE A 129 15.39 -9.54 -24.85
CA ILE A 129 15.98 -10.86 -24.68
C ILE A 129 15.24 -11.88 -25.52
N PHE A 130 13.95 -11.67 -25.74
CA PHE A 130 13.11 -12.60 -26.49
C PHE A 130 13.11 -12.31 -27.98
N SER A 131 14.01 -11.44 -28.46
CA SER A 131 14.11 -11.08 -29.86
C SER A 131 14.91 -12.16 -30.58
N GLU A 132 15.23 -11.95 -31.85
CA GLU A 132 16.00 -12.97 -32.55
C GLU A 132 17.45 -12.95 -32.09
N GLY A 133 18.09 -11.78 -32.06
CA GLY A 133 19.48 -11.69 -31.68
C GLY A 133 19.73 -11.36 -30.23
N GLY A 134 18.71 -11.38 -29.39
CA GLY A 134 18.94 -11.05 -28.00
C GLY A 134 19.12 -9.56 -27.79
N LEU A 135 19.61 -9.23 -26.59
CA LEU A 135 19.80 -7.84 -26.19
C LEU A 135 21.21 -7.41 -26.57
N ASP A 136 21.32 -6.72 -27.70
CA ASP A 136 22.57 -6.09 -28.10
C ASP A 136 22.62 -4.69 -27.52
N TYR A 137 23.73 -4.36 -26.88
CA TYR A 137 23.81 -3.23 -25.97
C TYR A 137 23.50 -1.90 -26.66
N LEU A 138 24.34 -1.50 -27.61
CA LEU A 138 24.13 -0.28 -28.39
C LEU A 138 23.68 -0.61 -29.80
N GLY A 139 22.99 -1.73 -29.97
CA GLY A 139 22.71 -2.28 -31.27
C GLY A 139 23.81 -3.14 -31.83
N ASN A 140 24.98 -3.14 -31.22
CA ASN A 140 26.11 -3.90 -31.73
C ASN A 140 25.93 -5.38 -31.43
N PRO A 141 25.80 -6.23 -32.45
CA PRO A 141 25.67 -7.68 -32.19
C PRO A 141 26.89 -8.27 -31.53
N SER A 142 27.98 -7.51 -31.45
CA SER A 142 29.26 -8.00 -30.97
C SER A 142 29.53 -7.62 -29.53
N LEU A 143 28.69 -6.78 -28.93
CA LEU A 143 29.00 -6.21 -27.62
C LEU A 143 28.66 -7.15 -26.48
N VAL A 144 27.38 -7.43 -26.29
CA VAL A 144 26.95 -8.31 -25.20
C VAL A 144 26.33 -9.56 -25.81
N HIS A 145 25.24 -9.37 -26.53
CA HIS A 145 24.53 -10.45 -27.20
C HIS A 145 23.93 -11.40 -26.18
N ALA A 146 23.13 -10.84 -25.29
CA ALA A 146 22.48 -11.62 -24.24
C ALA A 146 21.27 -12.35 -24.81
N GLN A 147 21.15 -13.63 -24.47
CA GLN A 147 20.10 -14.48 -25.00
C GLN A 147 19.21 -15.10 -23.93
N ASN A 148 19.70 -15.25 -22.70
CA ASN A 148 18.96 -15.91 -21.64
C ASN A 148 18.70 -14.88 -20.54
N ILE A 149 17.43 -14.72 -20.19
CA ILE A 149 17.08 -13.79 -19.12
C ILE A 149 17.26 -14.41 -17.75
N VAL A 150 17.17 -15.73 -17.63
CA VAL A 150 17.29 -16.32 -16.30
C VAL A 150 18.74 -16.28 -15.81
N ALA A 151 19.72 -16.43 -16.70
CA ALA A 151 21.11 -16.32 -16.27
C ALA A 151 21.47 -14.88 -15.95
N THR A 152 21.00 -13.95 -16.77
CA THR A 152 21.15 -12.53 -16.47
C THR A 152 20.61 -12.22 -15.09
N LEU A 153 19.39 -12.66 -14.82
CA LEU A 153 18.79 -12.41 -13.52
C LEU A 153 19.56 -13.08 -12.41
N ALA A 154 20.08 -14.29 -12.65
CA ALA A 154 20.80 -15.00 -11.58
C ALA A 154 22.06 -14.25 -11.19
N VAL A 155 22.83 -13.82 -12.19
CA VAL A 155 24.02 -13.03 -11.93
C VAL A 155 23.64 -11.74 -11.21
N GLN A 156 22.51 -11.16 -11.58
CA GLN A 156 22.08 -9.91 -10.96
C GLN A 156 21.76 -10.12 -9.49
N VAL A 157 21.02 -11.16 -9.15
CA VAL A 157 20.70 -11.39 -7.75
C VAL A 157 21.98 -11.65 -6.97
N ILE A 158 22.89 -12.43 -7.56
CA ILE A 158 24.17 -12.70 -6.92
C ILE A 158 24.86 -11.39 -6.54
N LEU A 159 25.17 -10.59 -7.55
CA LEU A 159 25.98 -9.40 -7.32
C LEU A 159 25.23 -8.37 -6.50
N MET A 160 23.93 -8.21 -6.73
CA MET A 160 23.15 -7.20 -6.04
C MET A 160 23.00 -7.54 -4.56
N GLY A 161 22.76 -8.81 -4.24
CA GLY A 161 22.70 -9.20 -2.85
C GLY A 161 24.02 -8.98 -2.16
N LEU A 162 25.11 -9.36 -2.80
CA LEU A 162 26.42 -9.13 -2.21
C LEU A 162 26.63 -7.64 -1.93
N VAL A 163 26.33 -6.80 -2.91
CA VAL A 163 26.65 -5.38 -2.73
C VAL A 163 25.69 -4.71 -1.77
N GLU A 164 24.42 -5.12 -1.71
CA GLU A 164 23.50 -4.50 -0.76
C GLU A 164 23.78 -4.96 0.65
N GLY A 165 24.22 -6.21 0.83
CA GLY A 165 24.65 -6.62 2.16
C GLY A 165 25.92 -5.93 2.60
N TYR A 166 26.84 -5.71 1.67
CA TYR A 166 28.00 -4.88 1.98
C TYR A 166 27.56 -3.46 2.32
N ARG A 167 26.53 -2.96 1.64
CA ARG A 167 26.00 -1.64 1.93
C ARG A 167 25.43 -1.54 3.32
N VAL A 168 24.73 -2.58 3.78
CA VAL A 168 24.14 -2.50 5.11
C VAL A 168 25.21 -2.67 6.19
N ASN A 169 26.08 -3.67 6.07
CA ASN A 169 27.02 -3.94 7.15
C ASN A 169 28.49 -3.84 6.76
N GLY A 170 28.80 -3.41 5.55
CA GLY A 170 30.18 -3.20 5.17
C GLY A 170 30.80 -4.42 4.51
N GLY A 171 32.06 -4.25 4.14
CA GLY A 171 32.78 -5.30 3.47
C GLY A 171 34.11 -4.83 2.91
N PRO A 172 34.45 -5.27 1.70
CA PRO A 172 35.76 -4.94 1.14
C PRO A 172 35.97 -3.47 0.89
N ALA A 173 34.91 -2.68 0.87
CA ALA A 173 34.97 -1.25 0.62
C ALA A 173 34.45 -0.46 1.82
N GLY A 174 34.62 -0.98 3.03
CA GLY A 174 34.17 -0.18 4.18
C GLY A 174 33.70 -1.00 5.37
N GLU A 175 34.54 -1.12 6.39
CA GLU A 175 34.05 -1.76 7.59
C GLU A 175 33.57 -0.60 8.46
N GLY A 176 32.30 -0.58 8.82
CA GLY A 176 31.75 0.48 9.66
C GLY A 176 31.77 1.95 9.25
N LEU A 177 31.48 2.26 7.99
CA LEU A 177 31.38 3.67 7.57
C LEU A 177 29.91 4.13 7.69
N ASP A 178 29.60 5.39 7.38
CA ASP A 178 28.22 5.82 7.44
C ASP A 178 27.37 4.97 6.52
N PRO A 179 26.14 4.64 6.93
CA PRO A 179 25.28 3.83 6.07
C PRO A 179 24.86 4.53 4.80
N LEU A 180 24.98 5.84 4.74
CA LEU A 180 24.51 6.63 3.61
C LEU A 180 25.61 7.34 2.86
N TYR A 181 26.58 7.92 3.57
CA TYR A 181 27.68 8.65 2.98
C TYR A 181 28.99 8.03 3.47
N PRO A 182 29.32 6.84 2.97
CA PRO A 182 30.52 6.15 3.47
C PRO A 182 31.80 6.88 3.14
N GLY A 183 31.97 7.20 1.87
CA GLY A 183 33.19 7.78 1.40
C GLY A 183 34.35 6.78 1.40
N GLU A 184 35.54 7.33 1.16
CA GLU A 184 36.82 6.67 1.39
C GLU A 184 37.13 5.57 0.39
N SER A 185 36.13 5.12 -0.34
CA SER A 185 36.31 4.44 -1.63
C SER A 185 35.29 4.89 -2.64
N PHE A 186 34.16 5.41 -2.19
CA PHE A 186 33.15 6.09 -2.98
C PHE A 186 33.39 7.58 -3.07
N ASP A 187 34.64 8.02 -2.87
CA ASP A 187 35.08 9.35 -3.24
C ASP A 187 36.49 9.28 -3.81
N PRO A 188 36.63 8.69 -5.00
CA PRO A 188 37.94 8.72 -5.66
C PRO A 188 38.35 10.10 -6.11
N LEU A 189 37.40 11.01 -6.29
CA LEU A 189 37.68 12.38 -6.67
C LEU A 189 37.86 13.30 -5.48
N GLY A 190 37.28 12.95 -4.33
CA GLY A 190 37.39 13.78 -3.15
C GLY A 190 36.70 15.12 -3.29
N LEU A 191 35.37 15.10 -3.37
CA LEU A 191 34.60 16.34 -3.47
C LEU A 191 34.16 16.87 -2.11
N ALA A 192 34.08 16.02 -1.10
CA ALA A 192 33.38 16.33 0.13
C ALA A 192 34.26 16.11 1.34
N ASP A 193 35.48 16.65 1.32
CA ASP A 193 36.32 16.64 2.50
C ASP A 193 36.09 17.85 3.40
N ASP A 194 35.56 18.94 2.84
CA ASP A 194 35.15 20.06 3.68
C ASP A 194 33.72 19.84 4.17
N PRO A 195 33.42 20.13 5.44
CA PRO A 195 32.06 19.89 5.93
C PRO A 195 31.01 20.76 5.26
N ASP A 196 31.33 22.00 4.91
CA ASP A 196 30.34 22.87 4.28
C ASP A 196 30.04 22.42 2.85
N THR A 197 31.09 22.16 2.07
CA THR A 197 30.89 21.57 0.76
C THR A 197 30.16 20.24 0.87
N PHE A 198 30.48 19.45 1.90
CA PHE A 198 29.80 18.19 2.13
C PHE A 198 28.30 18.42 2.32
N ALA A 199 27.95 19.41 3.12
CA ALA A 199 26.55 19.69 3.40
C ALA A 199 25.81 20.16 2.16
N GLU A 200 26.40 21.10 1.42
CA GLU A 200 25.72 21.63 0.25
C GLU A 200 25.60 20.56 -0.83
N LEU A 201 26.60 19.69 -0.96
CA LEU A 201 26.47 18.62 -1.93
C LEU A 201 25.49 17.57 -1.47
N LYS A 202 25.34 17.38 -0.17
CA LYS A 202 24.28 16.52 0.35
C LYS A 202 22.92 17.04 -0.08
N VAL A 203 22.71 18.35 0.09
CA VAL A 203 21.44 18.95 -0.30
C VAL A 203 21.23 18.81 -1.80
N LYS A 204 22.26 19.10 -2.58
CA LYS A 204 22.16 18.97 -4.02
C LYS A 204 21.83 17.53 -4.42
N GLU A 205 22.46 16.57 -3.75
CA GLU A 205 22.20 15.16 -4.02
C GLU A 205 20.74 14.84 -3.78
N ILE A 206 20.26 15.13 -2.57
CA ILE A 206 18.92 14.74 -2.20
C ILE A 206 17.89 15.49 -3.04
N LYS A 207 18.20 16.69 -3.52
CA LYS A 207 17.23 17.43 -4.30
C LYS A 207 17.18 16.97 -5.75
N ASN A 208 18.33 16.79 -6.39
CA ASN A 208 18.34 16.14 -7.69
C ASN A 208 17.66 14.78 -7.60
N GLY A 209 17.79 14.11 -6.45
CA GLY A 209 17.20 12.79 -6.33
C GLY A 209 15.70 12.82 -6.14
N ARG A 210 15.20 13.78 -5.38
CA ARG A 210 13.76 13.96 -5.27
C ARG A 210 13.17 14.34 -6.61
N LEU A 211 13.86 15.21 -7.35
CA LEU A 211 13.44 15.54 -8.70
C LEU A 211 13.39 14.29 -9.58
N ALA A 212 14.41 13.46 -9.49
CA ALA A 212 14.43 12.24 -10.30
C ALA A 212 13.37 11.26 -9.87
N MET A 213 13.06 11.18 -8.58
CA MET A 213 12.00 10.29 -8.13
C MET A 213 10.65 10.75 -8.62
N PHE A 214 10.37 12.05 -8.52
CA PHE A 214 9.17 12.61 -9.10
C PHE A 214 9.10 12.31 -10.59
N SER A 215 10.21 12.53 -11.30
CA SER A 215 10.23 12.34 -12.75
C SER A 215 10.08 10.86 -13.11
N MET A 216 10.56 9.96 -12.26
CA MET A 216 10.43 8.54 -12.53
C MET A 216 9.01 8.06 -12.26
N PHE A 217 8.39 8.57 -11.19
CA PHE A 217 6.97 8.36 -11.01
C PHE A 217 6.21 8.81 -12.24
N GLY A 218 6.58 9.98 -12.78
CA GLY A 218 5.94 10.46 -13.98
C GLY A 218 6.16 9.54 -15.16
N PHE A 219 7.39 9.10 -15.35
CA PHE A 219 7.69 8.09 -16.36
C PHE A 219 6.72 6.93 -16.24
N PHE A 220 6.56 6.40 -15.03
CA PHE A 220 5.68 5.26 -14.83
C PHE A 220 4.24 5.59 -15.23
N VAL A 221 3.67 6.64 -14.62
CA VAL A 221 2.25 6.88 -14.81
C VAL A 221 1.97 7.22 -16.26
N GLN A 222 2.85 7.97 -16.89
CA GLN A 222 2.60 8.44 -18.24
C GLN A 222 3.05 7.46 -19.31
N ALA A 223 3.85 6.46 -18.95
CA ALA A 223 4.00 5.28 -19.80
C ALA A 223 2.75 4.43 -19.75
N ILE A 224 2.20 4.24 -18.56
CA ILE A 224 0.98 3.45 -18.44
C ILE A 224 -0.18 4.13 -19.15
N VAL A 225 -0.22 5.45 -19.07
CA VAL A 225 -1.31 6.22 -19.63
C VAL A 225 -1.13 6.42 -21.13
N THR A 226 0.08 6.78 -21.54
CA THR A 226 0.35 7.14 -22.93
C THR A 226 0.80 5.93 -23.75
N GLY A 227 1.65 5.10 -23.18
CA GLY A 227 2.18 3.97 -23.92
C GLY A 227 3.35 4.29 -24.80
N LYS A 228 3.89 5.49 -24.70
CA LYS A 228 5.05 5.92 -25.46
C LYS A 228 6.16 6.31 -24.49
N GLY A 229 7.33 6.57 -25.05
CA GLY A 229 8.48 6.92 -24.25
C GLY A 229 8.39 8.30 -23.66
N PRO A 230 9.33 8.65 -22.78
CA PRO A 230 9.33 10.01 -22.24
C PRO A 230 9.71 11.06 -23.27
N ILE A 231 10.71 10.76 -24.09
CA ILE A 231 11.18 11.75 -25.06
C ILE A 231 10.11 11.97 -26.13
N GLN A 232 9.41 10.92 -26.52
CA GLN A 232 8.34 11.08 -27.49
C GLN A 232 7.17 11.83 -26.88
N ASN A 233 6.92 11.66 -25.58
CA ASN A 233 5.90 12.45 -24.91
C ASN A 233 6.28 13.92 -24.92
N LEU A 234 7.55 14.23 -24.69
CA LEU A 234 7.99 15.62 -24.76
C LEU A 234 7.87 16.17 -26.17
N ASP A 235 8.24 15.37 -27.17
CA ASP A 235 8.12 15.81 -28.55
C ASP A 235 6.67 16.08 -28.92
N ASP A 236 5.75 15.22 -28.47
CA ASP A 236 4.34 15.42 -28.76
C ASP A 236 3.79 16.62 -28.03
N HIS A 237 4.25 16.86 -26.80
CA HIS A 237 3.82 18.04 -26.06
C HIS A 237 4.32 19.32 -26.71
N LEU A 238 5.52 19.27 -27.27
CA LEU A 238 6.09 20.43 -27.95
C LEU A 238 5.47 20.65 -29.32
N SER A 239 4.91 19.58 -29.91
CA SER A 239 4.26 19.70 -31.20
C SER A 239 2.93 20.44 -31.09
N ASN A 240 2.19 20.19 -30.02
CA ASN A 240 0.88 20.80 -29.80
C ASN A 240 0.60 20.82 -28.30
N PRO A 241 1.10 21.83 -27.59
CA PRO A 241 1.06 21.76 -26.12
C PRO A 241 -0.34 21.79 -25.55
N THR A 242 -1.29 22.43 -26.23
CA THR A 242 -2.60 22.67 -25.65
C THR A 242 -3.56 21.50 -25.83
N VAL A 243 -3.27 20.56 -26.74
CA VAL A 243 -4.21 19.51 -27.06
C VAL A 243 -3.71 18.12 -26.68
N ASN A 244 -2.40 17.88 -26.73
CA ASN A 244 -1.85 16.57 -26.40
C ASN A 244 -1.08 16.59 -25.08
N ASN A 245 -1.63 17.31 -24.11
CA ASN A 245 -1.25 17.16 -22.71
C ASN A 245 -1.95 15.93 -22.12
N ALA A 246 -1.81 15.75 -20.81
CA ALA A 246 -2.34 14.56 -20.17
C ALA A 246 -3.86 14.49 -20.24
N PHE A 247 -4.52 15.65 -20.27
CA PHE A 247 -5.97 15.65 -20.27
C PHE A 247 -6.54 15.03 -21.54
N ALA A 248 -5.73 14.88 -22.58
CA ALA A 248 -6.16 14.14 -23.76
C ALA A 248 -6.32 12.66 -23.47
N PHE A 249 -5.68 12.15 -22.41
CA PHE A 249 -5.77 10.76 -22.01
C PHE A 249 -6.59 10.58 -20.76
N ALA A 250 -7.46 11.53 -20.44
CA ALA A 250 -8.17 11.51 -19.16
C ALA A 250 -9.31 10.49 -19.17
N THR A 251 -10.05 10.38 -20.26
CA THR A 251 -11.17 9.46 -20.37
C THR A 251 -10.72 8.06 -20.75
N LYS A 252 -9.47 7.71 -20.43
CA LYS A 252 -8.92 6.43 -20.88
C LYS A 252 -9.30 5.30 -19.93
N PHE A 253 -9.39 5.59 -18.64
CA PHE A 253 -9.62 4.58 -17.61
C PHE A 253 -11.04 4.62 -17.07
N THR A 254 -11.97 5.12 -17.84
CA THR A 254 -13.33 5.13 -17.33
C THR A 254 -13.97 3.76 -17.52
N PRO A 255 -14.63 3.23 -16.50
CA PRO A 255 -15.15 1.85 -16.60
C PRO A 255 -16.15 1.66 -17.72
N SER A 256 -17.18 2.49 -17.77
CA SER A 256 -18.19 2.42 -18.83
C SER A 256 -18.79 1.01 -18.91
N ALA A 257 -19.35 0.57 -17.80
CA ALA A 257 -19.96 -0.74 -17.70
C ALA A 257 -19.02 -1.82 -18.25
N LYS B 31 34.95 -31.93 19.83
CA LYS B 31 34.68 -31.75 21.26
C LYS B 31 33.58 -32.69 21.72
N LYS B 32 32.74 -33.11 20.78
CA LYS B 32 31.64 -34.02 21.08
C LYS B 32 31.96 -35.40 20.54
N ILE B 34 30.43 -38.78 18.03
CA ILE B 34 29.78 -38.90 16.74
C ILE B 34 28.26 -38.80 16.83
N ARG B 35 27.66 -39.47 17.82
CA ARG B 35 26.21 -39.55 17.88
C ARG B 35 25.56 -38.28 18.40
N GLU B 36 26.29 -37.44 19.14
CA GLU B 36 25.76 -36.13 19.50
C GLU B 36 25.85 -35.16 18.33
N LYS B 37 26.86 -35.32 17.47
CA LYS B 37 26.91 -34.55 16.24
C LYS B 37 25.76 -34.92 15.33
N ALA B 38 25.40 -36.20 15.30
CA ALA B 38 24.37 -36.70 14.40
C ALA B 38 22.96 -36.31 14.85
N GLY B 39 22.82 -35.63 15.99
CA GLY B 39 21.56 -35.08 16.39
C GLY B 39 20.70 -35.97 17.27
N TRP B 40 21.32 -36.89 18.01
CA TRP B 40 20.57 -37.78 18.88
C TRP B 40 20.23 -37.06 20.19
N TRP B 41 19.57 -37.79 21.09
CA TRP B 41 19.36 -37.35 22.47
C TRP B 41 18.56 -36.04 22.53
N SER B 42 17.30 -36.17 22.12
CA SER B 42 16.29 -35.18 22.41
C SER B 42 16.28 -34.80 23.89
N ASN B 43 15.78 -33.60 24.17
CA ASN B 43 15.73 -33.07 25.53
C ASN B 43 17.12 -32.57 25.89
N GLY B 44 17.92 -32.25 24.88
CA GLY B 44 19.18 -31.59 25.10
C GLY B 44 19.10 -30.17 24.58
N GLY B 45 17.89 -29.62 24.55
CA GLY B 45 17.66 -28.36 23.87
C GLY B 45 17.62 -27.15 24.78
N ASN B 46 18.76 -26.46 24.86
CA ASN B 46 18.85 -25.10 25.34
C ASN B 46 19.77 -24.25 24.47
N GLU B 47 20.68 -24.87 23.73
CA GLU B 47 21.50 -24.21 22.72
C GLU B 47 20.85 -24.24 21.36
N LYS B 48 19.73 -24.96 21.19
CA LYS B 48 19.01 -24.99 19.94
C LYS B 48 18.04 -23.83 19.80
N LEU B 49 17.71 -23.16 20.90
CA LEU B 49 16.98 -21.90 20.85
C LEU B 49 17.90 -20.74 20.51
N SER B 50 19.21 -20.96 20.51
CA SER B 50 20.16 -19.87 20.29
C SER B 50 20.13 -19.39 18.84
N ALA B 51 19.74 -20.25 17.91
CA ALA B 51 19.65 -19.88 16.51
C ALA B 51 18.35 -19.18 16.15
N PHE B 52 17.41 -19.08 17.09
CA PHE B 52 16.12 -18.46 16.84
C PHE B 52 15.76 -17.43 17.89
N TYR B 53 16.46 -17.38 19.01
CA TYR B 53 16.32 -16.31 19.99
C TYR B 53 17.70 -15.86 20.43
N GLY B 54 17.75 -14.67 20.99
CA GLY B 54 18.97 -14.17 21.58
C GLY B 54 19.79 -13.32 20.63
N PRO B 55 20.95 -12.90 21.11
CA PRO B 55 21.79 -11.98 20.33
C PRO B 55 22.34 -12.58 19.06
N ASP B 56 23.02 -13.73 19.18
CA ASP B 56 23.70 -14.34 18.05
C ASP B 56 22.81 -15.39 17.39
N ARG B 57 21.71 -14.90 16.84
CA ARG B 57 20.76 -15.72 16.11
C ARG B 57 20.93 -15.49 14.61
N GLY B 58 20.15 -16.22 13.83
CA GLY B 58 20.16 -16.05 12.39
C GLY B 58 19.40 -14.81 11.99
N LEU B 59 19.99 -14.04 11.08
CA LEU B 59 19.48 -12.75 10.69
C LEU B 59 19.08 -12.74 9.22
N TRP B 60 18.44 -11.65 8.82
CA TRP B 60 17.73 -11.61 7.55
C TRP B 60 18.66 -11.59 6.36
N LEU B 61 19.84 -10.98 6.49
CA LEU B 61 20.87 -11.06 5.48
C LEU B 61 22.04 -11.91 5.94
N GLY B 62 21.84 -12.71 6.97
CA GLY B 62 22.85 -13.63 7.45
C GLY B 62 24.08 -12.90 7.93
N PRO B 63 25.25 -13.25 7.38
CA PRO B 63 26.48 -12.61 7.80
C PRO B 63 26.66 -11.21 7.23
N LEU B 64 25.67 -10.71 6.50
CA LEU B 64 25.71 -9.38 5.91
C LEU B 64 24.64 -8.47 6.50
N SER B 65 24.30 -8.67 7.77
CA SER B 65 23.37 -7.79 8.50
C SER B 65 23.99 -7.53 9.86
N GLY B 66 24.66 -6.39 9.99
CA GLY B 66 25.43 -6.13 11.17
C GLY B 66 24.62 -5.47 12.27
N THR B 67 24.03 -4.32 11.94
CA THR B 67 23.41 -3.46 12.94
C THR B 67 21.92 -3.74 12.93
N THR B 68 21.51 -4.72 13.73
CA THR B 68 20.09 -4.99 13.88
C THR B 68 19.45 -3.86 14.67
N PRO B 69 18.20 -3.53 14.39
CA PRO B 69 17.51 -2.54 15.20
C PRO B 69 17.55 -2.93 16.67
N ALA B 70 17.79 -1.93 17.52
CA ALA B 70 17.94 -2.20 18.94
C ALA B 70 16.67 -2.78 19.54
N TYR B 71 15.51 -2.47 18.98
CA TYR B 71 14.26 -2.97 19.51
C TYR B 71 14.01 -4.43 19.14
N LEU B 72 14.72 -4.95 18.15
CA LEU B 72 14.64 -6.36 17.79
C LEU B 72 15.71 -7.12 18.55
N THR B 73 15.45 -7.28 19.85
CA THR B 73 16.41 -7.85 20.78
C THR B 73 16.56 -9.35 20.64
N GLY B 74 15.68 -10.01 19.90
CA GLY B 74 15.74 -11.44 19.76
C GLY B 74 14.89 -12.18 20.75
N GLU B 75 13.87 -11.54 21.30
CA GLU B 75 13.01 -12.15 22.30
C GLU B 75 11.75 -12.74 21.72
N PHE B 76 11.38 -12.34 20.58
CA PHE B 76 10.16 -12.80 19.95
C PHE B 76 10.47 -13.75 18.81
N PRO B 77 9.56 -14.67 18.53
CA PRO B 77 9.81 -15.65 17.47
C PRO B 77 9.83 -15.01 16.10
N GLY B 78 10.71 -15.51 15.25
CA GLY B 78 10.87 -15.01 13.92
C GLY B 78 11.70 -13.75 13.83
N ASP B 79 12.40 -13.38 14.89
CA ASP B 79 13.22 -12.18 14.89
C ASP B 79 14.48 -12.43 14.08
N TYR B 80 14.50 -11.92 12.85
CA TYR B 80 15.66 -11.98 11.98
C TYR B 80 16.31 -10.63 11.81
N GLY B 81 15.87 -9.62 12.56
CA GLY B 81 16.44 -8.31 12.47
C GLY B 81 16.01 -7.49 11.28
N TRP B 82 14.84 -7.76 10.71
CA TRP B 82 14.39 -7.11 9.49
C TRP B 82 13.36 -6.05 9.84
N ASP B 83 13.81 -4.81 9.97
CA ASP B 83 12.94 -3.65 10.03
C ASP B 83 13.52 -2.51 9.22
N SER B 84 13.94 -2.82 8.00
CA SER B 84 14.58 -1.83 7.13
C SER B 84 13.81 -0.52 7.12
N ALA B 85 12.48 -0.58 7.13
CA ALA B 85 11.65 0.60 7.08
C ALA B 85 11.38 1.21 8.44
N GLY B 86 11.88 0.61 9.51
CA GLY B 86 11.72 1.18 10.83
C GLY B 86 10.30 1.33 11.28
N LEU B 87 9.37 0.55 10.73
CA LEU B 87 7.96 0.70 11.05
C LEU B 87 7.62 0.24 12.45
N SER B 88 8.41 -0.65 13.03
CA SER B 88 8.15 -1.20 14.36
C SER B 88 9.04 -0.56 15.43
N ALA B 89 9.35 0.72 15.28
CA ALA B 89 10.24 1.36 16.23
C ALA B 89 9.55 1.58 17.58
N ASP B 90 8.27 1.86 17.56
CA ASP B 90 7.50 1.96 18.78
C ASP B 90 7.16 0.56 19.30
N PRO B 91 7.45 0.25 20.56
CA PRO B 91 7.18 -1.11 21.04
C PRO B 91 5.71 -1.51 20.97
N GLU B 92 4.79 -0.56 21.15
CA GLU B 92 3.38 -0.92 21.14
C GLU B 92 2.88 -1.21 19.74
N THR B 93 3.28 -0.39 18.77
CA THR B 93 2.96 -0.71 17.39
C THR B 93 3.72 -1.94 16.93
N PHE B 94 4.88 -2.22 17.54
CA PHE B 94 5.56 -3.47 17.27
C PHE B 94 4.73 -4.65 17.74
N LYS B 95 4.11 -4.53 18.90
CA LYS B 95 3.20 -5.56 19.40
C LYS B 95 2.03 -5.76 18.45
N ARG B 96 1.39 -4.66 18.06
CA ARG B 96 0.26 -4.74 17.15
C ARG B 96 0.66 -5.36 15.82
N TYR B 97 1.86 -5.03 15.35
CA TYR B 97 2.35 -5.59 14.10
C TYR B 97 2.67 -7.07 14.23
N ARG B 98 3.15 -7.48 15.40
CA ARG B 98 3.38 -8.90 15.64
C ARG B 98 2.07 -9.66 15.60
N GLU B 99 1.03 -9.12 16.22
CA GLU B 99 -0.27 -9.79 16.18
C GLU B 99 -0.83 -9.83 14.77
N LEU B 100 -0.71 -8.72 14.04
CA LEU B 100 -1.10 -8.71 12.63
C LEU B 100 -0.35 -9.77 11.86
N GLU B 101 0.96 -9.87 12.07
CA GLU B 101 1.77 -10.83 11.34
C GLU B 101 1.30 -12.25 11.62
N LEU B 102 1.08 -12.58 12.88
CA LEU B 102 0.73 -13.96 13.21
C LEU B 102 -0.66 -14.31 12.71
N ILE B 103 -1.60 -13.38 12.80
CA ILE B 103 -2.95 -13.67 12.33
C ILE B 103 -2.96 -13.79 10.81
N HIS B 104 -2.29 -12.88 10.12
CA HIS B 104 -2.14 -13.01 8.68
C HIS B 104 -1.47 -14.32 8.33
N ALA B 105 -0.50 -14.74 9.13
CA ALA B 105 0.23 -15.96 8.87
C ALA B 105 -0.67 -17.17 8.98
N ARG B 106 -1.50 -17.20 10.01
CA ARG B 106 -2.39 -18.33 10.18
C ARG B 106 -3.44 -18.38 9.07
N TRP B 107 -4.03 -17.23 8.75
CA TRP B 107 -5.01 -17.19 7.68
C TRP B 107 -4.37 -17.56 6.36
N ALA B 108 -3.13 -17.16 6.13
CA ALA B 108 -2.44 -17.46 4.90
C ALA B 108 -2.03 -18.92 4.82
N MET B 109 -1.75 -19.54 5.96
CA MET B 109 -1.46 -20.97 5.94
C MET B 109 -2.69 -21.75 5.57
N LEU B 110 -3.82 -21.45 6.23
CA LEU B 110 -5.07 -22.07 5.85
C LEU B 110 -5.38 -21.83 4.38
N GLY B 111 -5.14 -20.62 3.90
CA GLY B 111 -5.46 -20.30 2.52
C GLY B 111 -4.54 -20.98 1.53
N ALA B 112 -3.26 -21.08 1.84
CA ALA B 112 -2.35 -21.76 0.95
C ALA B 112 -2.68 -23.24 0.87
N LEU B 113 -3.10 -23.83 1.98
CA LEU B 113 -3.52 -25.23 1.93
C LEU B 113 -4.83 -25.37 1.16
N GLY B 114 -5.75 -24.41 1.31
CA GLY B 114 -7.05 -24.52 0.69
C GLY B 114 -7.11 -24.12 -0.77
N CYS B 115 -6.11 -23.39 -1.25
CA CYS B 115 -5.99 -23.08 -2.66
C CYS B 115 -5.32 -24.18 -3.46
N ILE B 116 -4.73 -25.17 -2.80
CA ILE B 116 -4.11 -26.29 -3.49
C ILE B 116 -4.83 -27.60 -3.23
N THR B 117 -5.56 -27.74 -2.13
CA THR B 117 -6.22 -29.02 -1.85
C THR B 117 -7.27 -29.33 -2.91
N PRO B 118 -8.15 -28.41 -3.31
CA PRO B 118 -9.15 -28.78 -4.33
C PRO B 118 -8.53 -29.14 -5.66
N GLU B 119 -7.48 -28.44 -6.08
CA GLU B 119 -6.90 -28.72 -7.39
C GLU B 119 -6.16 -30.06 -7.37
N LEU B 120 -5.46 -30.34 -6.28
CA LEU B 120 -4.83 -31.65 -6.13
C LEU B 120 -5.87 -32.75 -6.15
N LEU B 121 -6.95 -32.57 -5.39
CA LEU B 121 -7.99 -33.58 -5.31
C LEU B 121 -8.70 -33.74 -6.65
N ALA B 122 -8.77 -32.69 -7.44
CA ALA B 122 -9.42 -32.76 -8.75
C ALA B 122 -8.54 -33.43 -9.79
N LYS B 123 -7.23 -33.22 -9.72
CA LYS B 123 -6.34 -33.92 -10.63
C LYS B 123 -6.08 -35.35 -10.18
N ASN B 124 -6.36 -35.67 -8.92
CA ASN B 124 -6.39 -37.07 -8.49
C ASN B 124 -7.71 -37.74 -8.86
N GLY B 125 -8.76 -36.96 -9.09
CA GLY B 125 -9.99 -37.52 -9.64
C GLY B 125 -11.29 -37.18 -8.93
N THR B 126 -11.26 -36.35 -7.89
CA THR B 126 -12.51 -35.96 -7.25
C THR B 126 -13.25 -34.97 -8.15
N PRO B 127 -14.57 -35.14 -8.32
CA PRO B 127 -15.29 -34.37 -9.35
C PRO B 127 -15.68 -32.97 -8.90
N ILE B 128 -14.68 -32.21 -8.43
CA ILE B 128 -14.91 -30.81 -8.08
C ILE B 128 -15.16 -30.02 -9.36
N VAL B 129 -16.18 -29.17 -9.35
CA VAL B 129 -16.63 -28.55 -10.58
C VAL B 129 -15.74 -27.37 -10.97
N GLU B 130 -15.16 -26.68 -10.00
CA GLU B 130 -14.19 -25.61 -10.28
C GLU B 130 -13.17 -25.61 -9.18
N PRO B 131 -12.06 -26.33 -9.36
CA PRO B 131 -11.09 -26.47 -8.27
C PRO B 131 -10.11 -25.31 -8.21
N VAL B 132 -9.99 -24.55 -9.29
CA VAL B 132 -9.13 -23.38 -9.25
C VAL B 132 -9.67 -22.39 -8.23
N TRP B 133 -8.78 -21.83 -7.43
CA TRP B 133 -9.21 -21.12 -6.23
C TRP B 133 -9.84 -19.78 -6.56
N PHE B 134 -9.27 -19.02 -7.49
CA PHE B 134 -9.86 -17.73 -7.82
C PHE B 134 -11.12 -17.86 -8.66
N LYS B 135 -11.48 -19.08 -9.06
CA LYS B 135 -12.76 -19.36 -9.66
C LYS B 135 -13.66 -20.18 -8.76
N ALA B 136 -13.17 -20.61 -7.59
CA ALA B 136 -13.95 -21.46 -6.71
C ALA B 136 -15.15 -20.75 -6.11
N GLY B 137 -15.13 -19.43 -6.06
CA GLY B 137 -16.27 -18.70 -5.54
C GLY B 137 -17.44 -18.62 -6.48
N ALA B 138 -17.19 -18.76 -7.78
CA ALA B 138 -18.24 -18.68 -8.78
C ALA B 138 -19.01 -19.97 -8.94
N GLN B 139 -18.71 -20.98 -8.14
CA GLN B 139 -19.44 -22.24 -8.19
C GLN B 139 -20.84 -22.09 -7.62
N ILE B 140 -21.05 -21.13 -6.73
CA ILE B 140 -22.32 -20.96 -6.04
C ILE B 140 -23.38 -20.34 -6.92
N PHE B 141 -23.02 -19.89 -8.11
CA PHE B 141 -23.97 -19.29 -9.05
C PHE B 141 -24.46 -20.28 -10.08
N ALA B 142 -23.82 -21.44 -10.19
CA ALA B 142 -24.40 -22.53 -10.96
C ALA B 142 -25.62 -23.07 -10.22
N GLU B 143 -26.63 -23.45 -10.98
CA GLU B 143 -27.90 -23.80 -10.37
C GLU B 143 -27.86 -25.15 -9.66
N GLY B 144 -26.80 -25.93 -9.86
CA GLY B 144 -26.60 -27.12 -9.08
C GLY B 144 -25.98 -26.81 -7.74
N GLY B 145 -25.78 -25.53 -7.47
CA GLY B 145 -25.25 -25.11 -6.20
C GLY B 145 -23.76 -25.37 -6.05
N LEU B 146 -23.29 -25.13 -4.84
CA LEU B 146 -21.89 -25.33 -4.48
C LEU B 146 -21.79 -26.67 -3.74
N ASP B 147 -21.74 -27.74 -4.49
CA ASP B 147 -21.42 -29.03 -3.91
C ASP B 147 -19.98 -29.01 -3.41
N TYR B 148 -19.77 -29.55 -2.22
CA TYR B 148 -18.52 -29.31 -1.52
C TYR B 148 -17.34 -29.95 -2.25
N LEU B 149 -17.32 -31.28 -2.28
CA LEU B 149 -16.32 -32.03 -3.05
C LEU B 149 -16.88 -32.46 -4.40
N GLY B 150 -17.74 -31.63 -4.98
CA GLY B 150 -18.43 -32.06 -6.19
C GLY B 150 -19.50 -33.08 -5.95
N ASN B 151 -19.93 -33.24 -4.70
CA ASN B 151 -20.96 -34.20 -4.33
C ASN B 151 -22.23 -33.46 -3.96
N PRO B 152 -23.33 -33.60 -4.72
CA PRO B 152 -24.54 -32.83 -4.39
C PRO B 152 -25.14 -33.19 -3.05
N GLY B 153 -24.87 -34.39 -2.53
CA GLY B 153 -25.38 -34.72 -1.21
C GLY B 153 -24.73 -33.97 -0.09
N LEU B 154 -23.61 -33.32 -0.36
CA LEU B 154 -22.88 -32.53 0.61
C LEU B 154 -23.47 -31.12 0.65
N VAL B 155 -22.70 -30.15 1.14
CA VAL B 155 -23.18 -28.86 1.60
C VAL B 155 -24.31 -28.30 0.74
N HIS B 156 -24.11 -28.32 -0.58
CA HIS B 156 -25.15 -27.95 -1.54
C HIS B 156 -25.67 -26.53 -1.30
N ALA B 157 -24.75 -25.59 -1.23
CA ALA B 157 -25.09 -24.19 -1.00
C ALA B 157 -25.49 -23.53 -2.32
N GLN B 158 -26.60 -22.80 -2.28
CA GLN B 158 -27.09 -22.07 -3.44
C GLN B 158 -27.08 -20.56 -3.24
N SER B 159 -27.33 -20.08 -2.03
CA SER B 159 -27.41 -18.66 -1.74
C SER B 159 -26.05 -18.17 -1.26
N ILE B 160 -25.43 -17.28 -2.03
CA ILE B 160 -24.19 -16.67 -1.59
C ILE B 160 -24.46 -15.64 -0.51
N LEU B 161 -25.65 -15.06 -0.51
CA LEU B 161 -25.98 -14.05 0.49
C LEU B 161 -26.23 -14.68 1.84
N ALA B 162 -26.93 -15.82 1.87
CA ALA B 162 -27.11 -16.54 3.12
C ALA B 162 -25.78 -17.08 3.63
N THR B 163 -24.95 -17.59 2.72
CA THR B 163 -23.61 -18.01 3.10
C THR B 163 -22.86 -16.87 3.77
N LEU B 164 -22.85 -15.71 3.12
CA LEU B 164 -22.14 -14.56 3.66
C LEU B 164 -22.72 -14.10 4.99
N ALA B 165 -24.03 -14.17 5.17
CA ALA B 165 -24.63 -13.76 6.43
C ALA B 165 -24.23 -14.68 7.56
N VAL B 166 -24.39 -15.98 7.34
CA VAL B 166 -23.92 -16.97 8.31
C VAL B 166 -22.48 -16.69 8.66
N GLN B 167 -21.66 -16.46 7.64
CA GLN B 167 -20.23 -16.28 7.84
C GLN B 167 -19.95 -15.02 8.65
N VAL B 168 -20.67 -13.95 8.36
CA VAL B 168 -20.46 -12.70 9.06
C VAL B 168 -20.81 -12.84 10.52
N ILE B 169 -21.98 -13.43 10.81
CA ILE B 169 -22.36 -13.64 12.20
C ILE B 169 -21.30 -14.46 12.92
N LEU B 170 -20.92 -15.59 12.34
CA LEU B 170 -20.04 -16.51 13.03
C LEU B 170 -18.65 -15.91 13.21
N MET B 171 -18.11 -15.27 12.17
CA MET B 171 -16.77 -14.74 12.26
C MET B 171 -16.71 -13.50 13.12
N GLY B 172 -17.79 -12.72 13.17
CA GLY B 172 -17.82 -11.61 14.10
C GLY B 172 -17.78 -12.08 15.54
N ALA B 173 -18.66 -13.02 15.89
CA ALA B 173 -18.58 -13.62 17.21
C ALA B 173 -17.18 -14.16 17.47
N ILE B 174 -16.63 -14.87 16.49
CA ILE B 174 -15.35 -15.56 16.66
C ILE B 174 -14.24 -14.57 16.92
N GLU B 175 -14.16 -13.51 16.12
CA GLU B 175 -13.06 -12.56 16.25
C GLU B 175 -13.22 -11.63 17.44
N GLY B 176 -14.46 -11.29 17.79
CA GLY B 176 -14.66 -10.54 19.02
C GLY B 176 -14.30 -11.35 20.24
N TYR B 177 -14.52 -12.67 20.17
CA TYR B 177 -14.03 -13.54 21.22
C TYR B 177 -12.52 -13.61 21.20
N ARG B 178 -11.92 -13.53 20.02
CA ARG B 178 -10.47 -13.58 19.92
C ARG B 178 -9.83 -12.36 20.57
N VAL B 179 -10.40 -11.18 20.36
CA VAL B 179 -9.70 -9.96 20.75
C VAL B 179 -9.81 -9.63 22.23
N ASN B 180 -10.83 -10.12 22.93
CA ASN B 180 -10.94 -9.88 24.35
C ASN B 180 -11.16 -11.14 25.19
N GLY B 181 -11.74 -12.18 24.63
CA GLY B 181 -12.06 -13.38 25.38
C GLY B 181 -13.48 -13.83 25.10
N GLY B 182 -13.73 -15.08 25.45
CA GLY B 182 -15.00 -15.69 25.16
C GLY B 182 -15.19 -17.04 25.82
N PRO B 183 -16.07 -17.86 25.27
CA PRO B 183 -16.37 -19.15 25.90
C PRO B 183 -15.19 -20.09 25.97
N ALA B 184 -14.14 -19.83 25.19
CA ALA B 184 -12.96 -20.69 25.14
C ALA B 184 -11.77 -20.09 25.90
N GLY B 185 -12.04 -19.30 26.93
CA GLY B 185 -10.98 -18.74 27.74
C GLY B 185 -10.82 -17.25 27.54
N GLU B 186 -10.88 -16.50 28.65
CA GLU B 186 -10.85 -15.04 28.61
C GLU B 186 -9.54 -14.44 29.06
N GLY B 187 -8.93 -15.00 30.11
CA GLY B 187 -7.67 -14.48 30.60
C GLY B 187 -6.47 -15.14 29.97
N LEU B 188 -6.54 -15.40 28.67
CA LEU B 188 -5.47 -16.06 27.95
C LEU B 188 -4.72 -15.07 27.07
N ASP B 189 -3.60 -15.52 26.52
CA ASP B 189 -2.80 -14.69 25.64
C ASP B 189 -3.58 -14.34 24.38
N LYS B 190 -3.23 -13.21 23.78
CA LYS B 190 -3.95 -12.71 22.62
C LYS B 190 -3.57 -13.44 21.34
N LEU B 191 -2.42 -14.10 21.33
CA LEU B 191 -1.92 -14.80 20.16
C LEU B 191 -1.83 -16.30 20.36
N HIS B 192 -1.47 -16.74 21.56
CA HIS B 192 -1.31 -18.15 21.88
C HIS B 192 -2.12 -18.45 23.15
N PRO B 193 -3.43 -18.50 23.04
CA PRO B 193 -4.27 -18.75 24.22
C PRO B 193 -3.90 -20.04 24.91
N GLY B 194 -3.99 -21.14 24.17
CA GLY B 194 -3.45 -22.40 24.63
C GLY B 194 -4.11 -22.98 25.86
N GLY B 195 -5.43 -22.92 25.92
CA GLY B 195 -6.14 -23.60 26.98
C GLY B 195 -6.37 -25.04 26.63
N GLN B 196 -7.61 -25.50 26.74
CA GLN B 196 -7.99 -26.82 26.30
C GLN B 196 -8.76 -26.80 25.00
N PHE B 197 -8.97 -25.62 24.42
CA PHE B 197 -9.66 -25.47 23.15
C PHE B 197 -8.73 -25.20 21.99
N PHE B 198 -7.60 -24.54 22.24
CA PHE B 198 -6.66 -24.15 21.21
C PHE B 198 -5.30 -24.81 21.36
N ASP B 199 -5.06 -25.55 22.44
CA ASP B 199 -3.93 -26.47 22.53
C ASP B 199 -4.43 -27.79 23.12
N PRO B 200 -5.42 -28.41 22.47
CA PRO B 200 -6.02 -29.62 23.04
C PRO B 200 -5.14 -30.85 22.94
N LEU B 201 -4.06 -30.81 22.17
CA LEU B 201 -3.11 -31.91 22.11
C LEU B 201 -1.92 -31.71 23.03
N GLY B 202 -1.80 -30.54 23.65
CA GLY B 202 -0.74 -30.30 24.60
C GLY B 202 0.64 -30.31 24.01
N LEU B 203 0.79 -29.89 22.75
CA LEU B 203 2.10 -29.90 22.12
C LEU B 203 3.01 -28.83 22.69
N ALA B 204 2.47 -27.84 23.40
CA ALA B 204 3.21 -26.67 23.82
C ALA B 204 3.25 -26.51 25.33
N GLU B 205 3.34 -27.62 26.05
CA GLU B 205 3.47 -27.56 27.50
C GLU B 205 4.93 -27.44 27.93
N ASP B 206 5.85 -28.01 27.17
CA ASP B 206 7.25 -27.76 27.39
C ASP B 206 7.59 -26.35 26.90
N PRO B 207 8.10 -25.46 27.76
CA PRO B 207 8.34 -24.10 27.30
C PRO B 207 9.36 -23.99 26.19
N ASP B 208 10.32 -24.92 26.11
CA ASP B 208 11.28 -24.88 25.01
C ASP B 208 10.65 -25.39 23.73
N ALA B 209 9.87 -26.46 23.81
CA ALA B 209 9.10 -26.90 22.67
C ALA B 209 8.14 -25.80 22.21
N PHE B 210 7.53 -25.10 23.16
CA PHE B 210 6.68 -23.98 22.82
C PHE B 210 7.47 -22.89 22.10
N ALA B 211 8.66 -22.56 22.61
CA ALA B 211 9.44 -21.49 22.02
C ALA B 211 9.88 -21.82 20.60
N GLU B 212 10.21 -23.08 20.32
CA GLU B 212 10.62 -23.44 18.97
C GLU B 212 9.45 -23.68 18.05
N LEU B 213 8.32 -24.10 18.61
CA LEU B 213 7.10 -24.23 17.80
C LEU B 213 6.56 -22.89 17.40
N LYS B 214 6.76 -21.86 18.24
CA LYS B 214 6.42 -20.51 17.83
C LYS B 214 7.18 -20.11 16.58
N VAL B 215 8.47 -20.41 16.55
CA VAL B 215 9.29 -20.09 15.39
C VAL B 215 8.82 -20.88 14.18
N LYS B 216 8.53 -22.17 14.38
CA LYS B 216 8.03 -22.98 13.29
C LYS B 216 6.73 -22.42 12.73
N GLU B 217 5.85 -21.99 13.63
CA GLU B 217 4.58 -21.37 13.25
C GLU B 217 4.83 -20.15 12.40
N ILE B 218 5.66 -19.23 12.89
CA ILE B 218 5.82 -17.97 12.21
C ILE B 218 6.58 -18.15 10.90
N LYS B 219 7.46 -19.15 10.81
CA LYS B 219 8.21 -19.36 9.58
C LYS B 219 7.35 -20.03 8.52
N ASN B 220 6.63 -21.09 8.88
CA ASN B 220 5.66 -21.66 7.95
C ASN B 220 4.64 -20.61 7.53
N GLY B 221 4.28 -19.71 8.45
CA GLY B 221 3.28 -18.71 8.13
C GLY B 221 3.80 -17.62 7.22
N ARG B 222 5.05 -17.21 7.41
CA ARG B 222 5.64 -16.25 6.49
C ARG B 222 5.82 -16.86 5.12
N LEU B 223 6.21 -18.13 5.07
CA LEU B 223 6.28 -18.83 3.80
C LEU B 223 4.92 -18.88 3.13
N ALA B 224 3.88 -19.13 3.92
CA ALA B 224 2.53 -19.17 3.37
C ALA B 224 2.05 -17.80 2.92
N MET B 225 2.41 -16.74 3.64
CA MET B 225 2.03 -15.41 3.21
C MET B 225 2.73 -15.05 1.91
N PHE B 226 4.02 -15.36 1.80
CA PHE B 226 4.72 -15.12 0.56
C PHE B 226 4.13 -15.92 -0.59
N SER B 227 3.82 -17.19 -0.34
CA SER B 227 3.23 -18.03 -1.37
C SER B 227 1.80 -17.63 -1.70
N MET B 228 1.10 -16.97 -0.79
CA MET B 228 -0.24 -16.49 -1.11
C MET B 228 -0.18 -15.20 -1.91
N PHE B 229 0.78 -14.34 -1.60
CA PHE B 229 1.09 -13.24 -2.51
C PHE B 229 1.43 -13.78 -3.88
N GLY B 230 2.15 -14.90 -3.92
CA GLY B 230 2.46 -15.53 -5.19
C GLY B 230 1.24 -16.08 -5.89
N PHE B 231 0.32 -16.68 -5.13
CA PHE B 231 -0.94 -17.13 -5.72
C PHE B 231 -1.69 -15.96 -6.32
N PHE B 232 -1.78 -14.85 -5.59
CA PHE B 232 -2.48 -13.68 -6.09
C PHE B 232 -1.85 -13.18 -7.39
N VAL B 233 -0.53 -13.02 -7.39
CA VAL B 233 0.14 -12.46 -8.56
C VAL B 233 0.12 -13.44 -9.73
N GLN B 234 0.22 -14.74 -9.45
CA GLN B 234 0.17 -15.74 -10.50
C GLN B 234 -1.23 -15.88 -11.07
N ALA B 235 -2.25 -15.54 -10.30
CA ALA B 235 -3.59 -15.44 -10.84
C ALA B 235 -3.70 -14.23 -11.74
N ILE B 236 -3.38 -13.05 -11.21
CA ILE B 236 -3.56 -11.81 -11.97
C ILE B 236 -2.73 -11.82 -13.24
N VAL B 237 -1.61 -12.53 -13.24
CA VAL B 237 -0.66 -12.50 -14.33
C VAL B 237 -0.91 -13.67 -15.27
N THR B 238 -0.78 -14.88 -14.74
CA THR B 238 -0.86 -16.09 -15.53
C THR B 238 -2.30 -16.40 -15.92
N GLY B 239 -3.21 -16.41 -14.95
CA GLY B 239 -4.60 -16.69 -15.20
C GLY B 239 -5.01 -18.14 -15.05
N LYS B 240 -4.07 -19.03 -14.74
CA LYS B 240 -4.36 -20.42 -14.51
C LYS B 240 -4.29 -20.71 -13.01
N GLY B 241 -4.46 -21.98 -12.67
CA GLY B 241 -4.32 -22.41 -11.30
C GLY B 241 -2.87 -22.48 -10.88
N PRO B 242 -2.61 -22.47 -9.58
CA PRO B 242 -1.22 -22.56 -9.12
C PRO B 242 -0.58 -23.91 -9.38
N LEU B 243 -1.34 -25.00 -9.24
CA LEU B 243 -0.80 -26.31 -9.57
C LEU B 243 -0.65 -26.48 -11.07
N ALA B 244 -1.52 -25.83 -11.85
CA ALA B 244 -1.34 -25.82 -13.29
C ALA B 244 -0.07 -25.08 -13.67
N ASN B 245 0.24 -23.99 -12.96
CA ASN B 245 1.48 -23.27 -13.20
C ASN B 245 2.68 -24.12 -12.85
N LEU B 246 2.62 -24.81 -11.72
CA LEU B 246 3.68 -25.74 -11.36
C LEU B 246 3.87 -26.80 -12.44
N ASP B 247 2.76 -27.31 -12.98
CA ASP B 247 2.85 -28.38 -13.95
C ASP B 247 3.44 -27.88 -15.27
N GLU B 248 3.00 -26.72 -15.75
CA GLU B 248 3.54 -26.18 -16.99
C GLU B 248 4.95 -25.65 -16.83
N HIS B 249 5.38 -25.38 -15.60
CA HIS B 249 6.77 -25.03 -15.34
C HIS B 249 7.65 -26.27 -15.31
N LEU B 250 7.13 -27.36 -14.75
CA LEU B 250 7.83 -28.62 -14.72
C LEU B 250 7.84 -29.33 -16.06
N ALA B 251 6.94 -28.94 -16.97
CA ALA B 251 6.97 -29.48 -18.33
C ALA B 251 8.24 -29.04 -19.04
N SER B 252 8.46 -27.74 -19.10
CA SER B 252 9.67 -27.18 -19.72
C SER B 252 9.95 -25.86 -19.02
N PRO B 253 10.81 -25.86 -17.99
CA PRO B 253 10.93 -24.67 -17.13
C PRO B 253 11.49 -23.46 -17.83
N PHE B 254 12.60 -23.63 -18.54
CA PHE B 254 13.18 -22.50 -19.24
C PHE B 254 12.28 -22.04 -20.39
N THR B 255 11.54 -22.97 -20.98
CA THR B 255 10.54 -22.61 -21.98
C THR B 255 9.48 -21.69 -21.38
N SER B 256 8.94 -22.06 -20.23
CA SER B 256 7.80 -21.38 -19.63
C SER B 256 8.16 -20.92 -18.23
N ASN B 257 8.07 -19.63 -17.99
CA ASN B 257 8.44 -19.03 -16.73
C ASN B 257 7.55 -17.82 -16.51
N ALA B 258 7.87 -17.05 -15.48
CA ALA B 258 7.21 -15.78 -15.27
C ALA B 258 7.63 -14.74 -16.30
N PHE B 259 8.79 -14.92 -16.92
CA PHE B 259 9.19 -14.04 -18.00
C PHE B 259 8.42 -14.33 -19.28
N THR B 260 7.81 -15.51 -19.39
CA THR B 260 6.89 -15.77 -20.48
C THR B 260 5.76 -14.76 -20.47
N TYR B 261 5.29 -14.37 -19.28
CA TYR B 261 4.22 -13.41 -19.12
C TYR B 261 4.72 -12.03 -18.76
N ALA B 262 5.95 -11.69 -19.14
CA ALA B 262 6.51 -10.40 -18.79
C ALA B 262 5.97 -9.29 -19.68
N GLN B 263 5.69 -9.59 -20.94
CA GLN B 263 5.15 -8.62 -21.88
C GLN B 263 3.63 -8.61 -21.87
N LYS B 264 3.00 -9.21 -20.87
CA LYS B 264 1.55 -9.31 -20.87
C LYS B 264 0.91 -7.98 -20.52
N PHE B 265 1.51 -7.26 -19.58
CA PHE B 265 1.00 -5.96 -19.13
C PHE B 265 1.60 -4.82 -19.93
N THR B 266 1.97 -5.08 -21.17
CA THR B 266 2.42 -4.06 -22.08
C THR B 266 1.41 -2.90 -22.12
N PRO B 267 1.85 -1.66 -21.91
CA PRO B 267 0.97 -0.53 -22.21
C PRO B 267 0.86 -0.33 -23.72
N GLN B 268 -0.38 -0.39 -24.22
CA GLN B 268 -0.64 -0.35 -25.64
C GLN B 268 -0.84 1.08 -26.12
N ILE C 30 -25.56 8.22 26.09
CA ILE C 30 -24.31 7.81 25.45
C ILE C 30 -23.28 8.91 25.61
N GLU C 31 -22.08 8.50 26.00
CA GLU C 31 -21.08 9.43 26.54
C GLU C 31 -20.22 10.05 25.46
N TRP C 32 -19.65 9.23 24.57
CA TRP C 32 -18.77 9.65 23.50
C TRP C 32 -17.40 10.08 24.00
N TYR C 33 -17.15 10.04 25.31
CA TYR C 33 -15.86 10.44 25.83
C TYR C 33 -15.57 9.63 27.08
N GLY C 34 -14.31 9.70 27.52
CA GLY C 34 -13.90 9.02 28.73
C GLY C 34 -13.73 7.54 28.54
N PRO C 35 -13.56 6.83 29.66
CA PRO C 35 -13.34 5.38 29.57
C PRO C 35 -14.61 4.62 29.22
N ASP C 36 -15.77 5.13 29.61
CA ASP C 36 -17.03 4.46 29.32
C ASP C 36 -17.69 5.05 28.07
N ARG C 37 -16.91 5.13 27.02
CA ARG C 37 -17.41 5.61 25.75
C ARG C 37 -17.82 4.45 24.87
N PRO C 38 -18.65 4.72 23.86
CA PRO C 38 -18.96 3.68 22.88
C PRO C 38 -17.75 3.35 22.04
N LYS C 39 -17.60 2.06 21.75
CA LYS C 39 -16.40 1.53 21.16
C LYS C 39 -16.74 0.67 19.95
N PHE C 40 -15.74 0.39 19.12
CA PHE C 40 -16.02 -0.10 17.79
C PHE C 40 -16.33 -1.58 17.74
N LEU C 41 -16.11 -2.32 18.81
CA LEU C 41 -16.60 -3.69 18.91
C LEU C 41 -17.68 -3.83 19.97
N GLY C 42 -18.18 -2.73 20.50
CA GLY C 42 -19.26 -2.76 21.45
C GLY C 42 -18.90 -3.47 22.73
N PRO C 43 -19.67 -4.49 23.11
CA PRO C 43 -19.38 -5.19 24.37
C PRO C 43 -18.09 -5.94 24.34
N PHE C 44 -17.61 -6.30 23.14
CA PHE C 44 -16.39 -7.05 22.86
C PHE C 44 -15.11 -6.23 23.02
N SER C 45 -15.17 -5.04 23.62
CA SER C 45 -14.14 -4.03 23.41
C SER C 45 -13.46 -3.59 24.71
N GLU C 46 -13.50 -4.39 25.76
CA GLU C 46 -12.89 -3.97 27.02
C GLU C 46 -11.37 -4.02 26.94
N GLY C 47 -10.82 -5.06 26.32
CA GLY C 47 -9.39 -5.29 26.33
C GLY C 47 -8.68 -5.10 25.00
N ASP C 48 -9.40 -4.62 23.99
CA ASP C 48 -8.81 -4.39 22.68
C ASP C 48 -8.29 -2.97 22.50
N THR C 49 -8.80 -2.03 23.28
CA THR C 49 -8.42 -0.64 23.11
C THR C 49 -7.02 -0.40 23.70
N PRO C 50 -6.17 0.36 23.02
CA PRO C 50 -4.84 0.62 23.56
C PRO C 50 -4.88 1.61 24.71
N ALA C 51 -3.74 1.70 25.41
CA ALA C 51 -3.63 2.61 26.54
C ALA C 51 -3.60 4.06 26.11
N TYR C 52 -3.21 4.34 24.88
CA TYR C 52 -3.05 5.70 24.40
C TYR C 52 -4.32 6.29 23.80
N LEU C 53 -5.35 5.49 23.58
CA LEU C 53 -6.62 5.98 23.04
C LEU C 53 -7.59 6.34 24.17
N THR C 54 -7.11 7.24 25.03
CA THR C 54 -8.00 7.79 26.05
C THR C 54 -9.16 8.50 25.37
N GLY C 55 -10.32 8.47 26.00
CA GLY C 55 -11.47 9.10 25.41
C GLY C 55 -11.38 10.61 25.49
N GLU C 56 -10.41 11.16 24.76
CA GLU C 56 -10.16 12.59 24.73
C GLU C 56 -10.62 13.23 23.44
N PHE C 57 -10.52 12.52 22.34
CA PHE C 57 -10.72 13.08 21.03
C PHE C 57 -11.98 12.53 20.38
N PRO C 58 -12.61 13.30 19.51
CA PRO C 58 -13.88 12.87 18.93
C PRO C 58 -13.71 11.61 18.09
N GLY C 59 -14.75 10.78 18.10
CA GLY C 59 -14.72 9.57 17.32
C GLY C 59 -13.84 8.48 17.86
N ASP C 60 -13.34 8.62 19.08
CA ASP C 60 -12.48 7.62 19.70
C ASP C 60 -13.34 6.44 20.12
N TYR C 61 -13.51 5.49 19.21
CA TYR C 61 -14.15 4.23 19.49
C TYR C 61 -13.16 3.15 19.90
N GLY C 62 -11.88 3.46 19.94
CA GLY C 62 -10.87 2.51 20.35
C GLY C 62 -10.37 1.61 19.25
N TRP C 63 -10.33 2.09 18.02
CA TRP C 63 -9.93 1.29 16.87
C TRP C 63 -8.53 1.70 16.44
N ASP C 64 -7.52 1.05 16.99
CA ASP C 64 -6.15 1.18 16.52
C ASP C 64 -5.47 -0.18 16.52
N THR C 65 -6.16 -1.19 15.98
CA THR C 65 -5.61 -2.54 15.97
C THR C 65 -4.23 -2.58 15.32
N ALA C 66 -3.98 -1.72 14.36
CA ALA C 66 -2.67 -1.68 13.71
C ALA C 66 -1.65 -0.85 14.47
N GLY C 67 -2.05 -0.18 15.54
CA GLY C 67 -1.10 0.55 16.35
C GLY C 67 -0.44 1.70 15.66
N LEU C 68 -1.09 2.27 14.65
CA LEU C 68 -0.47 3.31 13.84
C LEU C 68 -0.48 4.67 14.51
N SER C 69 -1.15 4.80 15.65
CA SER C 69 -1.29 6.07 16.35
C SER C 69 -0.72 5.97 17.76
N ALA C 70 0.33 5.17 17.92
CA ALA C 70 0.94 5.00 19.24
C ALA C 70 1.68 6.26 19.66
N ASP C 71 2.31 6.94 18.71
CA ASP C 71 2.99 8.19 19.03
C ASP C 71 1.99 9.33 19.04
N PRO C 72 1.95 10.14 20.10
CA PRO C 72 0.93 11.21 20.15
C PRO C 72 1.02 12.20 18.99
N GLU C 73 2.23 12.45 18.48
CA GLU C 73 2.39 13.38 17.37
C GLU C 73 1.86 12.80 16.08
N THR C 74 2.22 11.54 15.80
CA THR C 74 1.62 10.85 14.66
C THR C 74 0.13 10.72 14.82
N PHE C 75 -0.34 10.58 16.06
CA PHE C 75 -1.77 10.51 16.32
C PHE C 75 -2.45 11.83 15.97
N LYS C 76 -1.81 12.94 16.32
CA LYS C 76 -2.35 14.26 16.00
C LYS C 76 -2.40 14.46 14.49
N ARG C 77 -1.32 14.11 13.79
CA ARG C 77 -1.29 14.26 12.35
C ARG C 77 -2.34 13.38 11.68
N TYR C 78 -2.52 12.16 12.19
CA TYR C 78 -3.52 11.27 11.63
C TYR C 78 -4.93 11.77 11.93
N ARG C 79 -5.12 12.41 13.08
CA ARG C 79 -6.43 13.00 13.36
C ARG C 79 -6.73 14.12 12.38
N GLU C 80 -5.73 14.95 12.08
CA GLU C 80 -5.95 16.00 11.10
C GLU C 80 -6.26 15.42 9.73
N LEU C 81 -5.52 14.39 9.33
CA LEU C 81 -5.81 13.74 8.05
C LEU C 81 -7.22 13.17 8.04
N GLU C 82 -7.62 12.53 9.13
CA GLU C 82 -8.95 11.95 9.20
C GLU C 82 -10.00 13.03 9.02
N LEU C 83 -9.87 14.14 9.74
CA LEU C 83 -10.92 15.16 9.70
C LEU C 83 -10.96 15.85 8.35
N ILE C 84 -9.80 16.09 7.73
CA ILE C 84 -9.80 16.77 6.45
C ILE C 84 -10.34 15.85 5.37
N HIS C 85 -9.91 14.60 5.36
CA HIS C 85 -10.49 13.62 4.46
C HIS C 85 -11.99 13.53 4.68
N ALA C 86 -12.43 13.62 5.93
CA ALA C 86 -13.84 13.52 6.25
C ALA C 86 -14.64 14.68 5.66
N ARG C 87 -14.14 15.89 5.84
CA ARG C 87 -14.84 17.06 5.32
C ARG C 87 -14.85 17.05 3.79
N TRP C 88 -13.71 16.74 3.17
CA TRP C 88 -13.65 16.67 1.72
C TRP C 88 -14.56 15.57 1.20
N ALA C 89 -14.67 14.46 1.93
CA ALA C 89 -15.50 13.35 1.50
C ALA C 89 -16.97 13.64 1.68
N MET C 90 -17.33 14.41 2.70
CA MET C 90 -18.72 14.84 2.82
C MET C 90 -19.11 15.74 1.66
N LEU C 91 -18.26 16.73 1.36
CA LEU C 91 -18.55 17.59 0.23
C LEU C 91 -18.64 16.78 -1.06
N GLY C 92 -17.74 15.81 -1.23
CA GLY C 92 -17.74 15.02 -2.46
C GLY C 92 -18.91 14.07 -2.55
N ALA C 93 -19.33 13.49 -1.43
CA ALA C 93 -20.51 12.64 -1.44
C ALA C 93 -21.72 13.44 -1.84
N LEU C 94 -21.89 14.62 -1.25
CA LEU C 94 -23.00 15.46 -1.65
C LEU C 94 -22.89 15.87 -3.11
N GLY C 95 -21.67 16.11 -3.60
CA GLY C 95 -21.50 16.56 -4.97
C GLY C 95 -21.67 15.46 -6.00
N CYS C 96 -21.49 14.21 -5.62
CA CYS C 96 -21.81 13.09 -6.49
C CYS C 96 -23.27 12.68 -6.41
N ILE C 97 -23.93 12.88 -5.27
CA ILE C 97 -25.36 12.55 -5.19
C ILE C 97 -26.20 13.63 -5.88
N THR C 98 -25.85 14.90 -5.67
CA THR C 98 -26.79 15.97 -6.05
C THR C 98 -27.05 16.02 -7.55
N PRO C 99 -26.04 16.08 -8.42
CA PRO C 99 -26.34 16.22 -9.85
C PRO C 99 -27.17 15.09 -10.40
N GLU C 100 -27.04 13.88 -9.88
CA GLU C 100 -27.83 12.77 -10.41
C GLU C 100 -29.29 12.89 -10.02
N LEU C 101 -29.55 13.16 -8.74
CA LEU C 101 -30.91 13.47 -8.31
C LEU C 101 -31.51 14.54 -9.19
N LEU C 102 -30.85 15.69 -9.28
CA LEU C 102 -31.33 16.76 -10.14
C LEU C 102 -31.44 16.31 -11.59
N ALA C 103 -30.71 15.27 -11.98
CA ALA C 103 -30.72 14.83 -13.36
C ALA C 103 -32.04 14.15 -13.70
N LYS C 104 -32.49 13.22 -12.87
CA LYS C 104 -33.78 12.62 -13.19
C LYS C 104 -34.94 13.52 -12.79
N ASN C 105 -34.76 14.36 -11.77
CA ASN C 105 -35.83 15.28 -11.38
C ASN C 105 -36.01 16.41 -12.39
N GLY C 106 -35.42 16.31 -13.57
CA GLY C 106 -35.83 17.08 -14.73
C GLY C 106 -34.72 17.85 -15.42
N ILE C 107 -33.62 18.11 -14.74
CA ILE C 107 -32.66 19.12 -15.15
C ILE C 107 -31.72 18.56 -16.21
N PRO C 108 -31.36 19.32 -17.24
CA PRO C 108 -30.38 18.83 -18.21
C PRO C 108 -28.96 18.86 -17.67
N PHE C 109 -28.30 17.72 -17.81
CA PHE C 109 -26.98 17.37 -17.28
C PHE C 109 -26.26 16.53 -18.34
N GLY C 110 -25.67 17.20 -19.32
CA GLY C 110 -25.00 16.52 -20.42
C GLY C 110 -24.30 15.26 -19.99
N GLU C 111 -23.60 15.31 -18.85
CA GLU C 111 -23.06 14.11 -18.23
C GLU C 111 -23.30 14.22 -16.73
N ALA C 112 -24.38 13.59 -16.26
CA ALA C 112 -24.75 13.69 -14.86
C ALA C 112 -23.90 12.80 -13.98
N VAL C 113 -23.56 11.60 -14.46
CA VAL C 113 -22.81 10.67 -13.64
C VAL C 113 -21.49 11.31 -13.23
N TRP C 114 -21.09 11.07 -11.99
CA TRP C 114 -20.00 11.82 -11.40
C TRP C 114 -18.65 11.44 -11.96
N PHE C 115 -18.45 10.17 -12.30
CA PHE C 115 -17.16 9.73 -12.80
C PHE C 115 -17.02 9.96 -14.30
N LYS C 116 -17.91 10.74 -14.89
CA LYS C 116 -17.67 11.33 -16.21
C LYS C 116 -18.07 12.79 -16.25
N ALA C 117 -18.35 13.40 -15.10
CA ALA C 117 -18.66 14.82 -15.05
C ALA C 117 -17.49 15.69 -15.44
N GLY C 118 -16.28 15.14 -15.46
CA GLY C 118 -15.10 15.92 -15.78
C GLY C 118 -14.86 15.98 -17.28
N ALA C 119 -15.39 14.98 -17.98
CA ALA C 119 -15.22 14.89 -19.42
C ALA C 119 -16.18 15.80 -20.18
N GLN C 120 -16.91 16.66 -19.48
CA GLN C 120 -17.79 17.61 -20.14
C GLN C 120 -17.01 18.72 -20.82
N ILE C 121 -15.77 18.97 -20.40
CA ILE C 121 -14.98 20.03 -20.99
C ILE C 121 -14.71 19.74 -22.45
N PHE C 122 -14.60 18.47 -22.81
CA PHE C 122 -14.29 18.05 -24.17
C PHE C 122 -15.54 17.89 -25.04
N ALA C 123 -16.69 18.34 -24.57
CA ALA C 123 -17.93 18.25 -25.33
C ALA C 123 -18.02 19.44 -26.27
N GLU C 124 -19.15 19.57 -26.98
CA GLU C 124 -19.21 20.67 -27.93
C GLU C 124 -19.33 22.00 -27.21
N GLY C 125 -20.25 22.11 -26.26
CA GLY C 125 -20.45 23.37 -25.56
C GLY C 125 -19.72 23.51 -24.25
N GLY C 126 -18.81 22.61 -23.93
CA GLY C 126 -18.11 22.72 -22.68
C GLY C 126 -18.97 22.31 -21.51
N LEU C 127 -18.48 22.65 -20.32
CA LEU C 127 -19.14 22.29 -19.07
C LEU C 127 -20.11 23.39 -18.68
N ASN C 128 -21.37 23.20 -19.03
CA ASN C 128 -22.42 24.07 -18.53
C ASN C 128 -22.89 23.56 -17.18
N TYR C 129 -23.03 24.48 -16.23
CA TYR C 129 -23.14 24.12 -14.82
C TYR C 129 -24.37 23.29 -14.53
N LEU C 130 -25.56 23.87 -14.70
CA LEU C 130 -26.82 23.16 -14.51
C LEU C 130 -27.48 22.84 -15.84
N GLY C 131 -26.67 22.66 -16.87
CA GLY C 131 -27.16 22.57 -18.23
C GLY C 131 -27.35 23.91 -18.90
N ASN C 132 -27.26 25.01 -18.15
CA ASN C 132 -27.48 26.33 -18.72
C ASN C 132 -26.27 26.77 -19.54
N GLU C 133 -26.46 26.97 -20.83
CA GLU C 133 -25.36 27.42 -21.68
C GLU C 133 -24.85 28.80 -21.27
N ASN C 134 -25.59 29.51 -20.41
CA ASN C 134 -25.27 30.88 -20.06
C ASN C 134 -24.67 31.03 -18.67
N LEU C 135 -24.44 29.93 -17.96
CA LEU C 135 -23.96 30.02 -16.58
C LEU C 135 -22.45 30.12 -16.48
N ILE C 136 -21.74 29.11 -16.96
CA ILE C 136 -20.29 29.09 -16.80
C ILE C 136 -19.61 28.90 -18.15
N HIS C 137 -20.04 27.87 -18.88
CA HIS C 137 -19.61 27.63 -20.25
C HIS C 137 -18.09 27.49 -20.31
N ALA C 138 -17.58 26.56 -19.52
CA ALA C 138 -16.15 26.30 -19.46
C ALA C 138 -15.71 25.47 -20.67
N GLN C 139 -14.62 25.89 -21.30
CA GLN C 139 -14.14 25.24 -22.51
C GLN C 139 -12.72 24.72 -22.40
N SER C 140 -11.89 25.25 -21.51
CA SER C 140 -10.50 24.86 -21.39
C SER C 140 -10.27 24.27 -20.00
N ILE C 141 -9.77 23.03 -19.97
CA ILE C 141 -9.51 22.37 -18.71
C ILE C 141 -8.20 22.83 -18.10
N ILE C 142 -7.25 23.29 -18.91
CA ILE C 142 -5.95 23.70 -18.38
C ILE C 142 -6.09 24.97 -17.56
N ALA C 143 -6.90 25.92 -18.03
CA ALA C 143 -7.10 27.16 -17.30
C ALA C 143 -7.88 26.93 -16.01
N THR C 144 -8.93 26.10 -16.11
CA THR C 144 -9.67 25.67 -14.93
C THR C 144 -8.72 25.10 -13.89
N LEU C 145 -7.89 24.16 -14.32
CA LEU C 145 -6.94 23.55 -13.40
C LEU C 145 -5.96 24.57 -12.85
N ALA C 146 -5.51 25.51 -13.66
CA ALA C 146 -4.52 26.48 -13.20
C ALA C 146 -5.11 27.35 -12.09
N PHE C 147 -6.30 27.89 -12.32
CA PHE C 147 -6.94 28.65 -11.26
C PHE C 147 -7.13 27.78 -10.02
N GLN C 148 -7.49 26.52 -10.22
CA GLN C 148 -7.72 25.65 -9.07
C GLN C 148 -6.45 25.47 -8.26
N VAL C 149 -5.32 25.23 -8.90
CA VAL C 149 -4.09 25.06 -8.14
C VAL C 149 -3.76 26.36 -7.42
N VAL C 150 -3.90 27.50 -8.10
CA VAL C 150 -3.53 28.76 -7.46
C VAL C 150 -4.33 28.93 -6.16
N VAL C 151 -5.65 28.87 -6.26
CA VAL C 151 -6.44 29.19 -5.08
C VAL C 151 -6.44 28.05 -4.05
N MET C 152 -6.36 26.79 -4.49
CA MET C 152 -6.29 25.68 -3.54
C MET C 152 -4.98 25.72 -2.76
N GLY C 153 -3.87 26.02 -3.42
CA GLY C 153 -2.62 26.16 -2.71
C GLY C 153 -2.67 27.31 -1.73
N LEU C 154 -3.21 28.45 -2.16
CA LEU C 154 -3.33 29.56 -1.24
C LEU C 154 -4.14 29.17 -0.01
N ALA C 155 -5.29 28.53 -0.24
CA ALA C 155 -6.21 28.21 0.85
C ALA C 155 -5.63 27.15 1.77
N GLU C 156 -4.95 26.15 1.22
CA GLU C 156 -4.40 25.08 2.06
C GLU C 156 -3.18 25.56 2.83
N ALA C 157 -2.39 26.46 2.23
CA ALA C 157 -1.31 27.09 2.98
C ALA C 157 -1.86 27.91 4.13
N TYR C 158 -2.90 28.70 3.86
CA TYR C 158 -3.56 29.43 4.94
C TYR C 158 -4.09 28.48 5.99
N ARG C 159 -4.58 27.31 5.57
CA ARG C 159 -5.08 26.31 6.50
C ARG C 159 -3.96 25.79 7.39
N ALA C 160 -2.79 25.57 6.82
CA ALA C 160 -1.66 25.06 7.59
C ALA C 160 -1.15 26.11 8.58
N ASN C 161 -0.88 27.32 8.11
CA ASN C 161 -0.21 28.31 8.94
C ASN C 161 -1.00 29.61 9.12
N GLY C 162 -2.22 29.69 8.63
CA GLY C 162 -3.04 30.86 8.87
C GLY C 162 -2.91 31.89 7.76
N GLY C 163 -3.66 32.96 7.94
CA GLY C 163 -3.69 34.02 6.97
C GLY C 163 -4.78 35.05 7.23
N PRO C 164 -5.46 35.49 6.18
CA PRO C 164 -6.45 36.56 6.35
C PRO C 164 -7.64 36.15 7.20
N LEU C 165 -7.87 34.86 7.43
CA LEU C 165 -8.99 34.41 8.23
C LEU C 165 -8.52 33.72 9.51
N GLY C 166 -7.29 33.97 9.93
CA GLY C 166 -6.78 33.37 11.14
C GLY C 166 -5.26 33.37 11.24
N GLU C 167 -4.76 33.63 12.44
CA GLU C 167 -3.34 33.71 12.71
C GLU C 167 -2.83 32.54 13.54
N GLY C 168 -3.43 32.28 14.69
CA GLY C 168 -2.93 31.23 15.56
C GLY C 168 -4.01 30.31 16.06
N LEU C 169 -5.02 30.08 15.24
CA LEU C 169 -6.16 29.27 15.65
C LEU C 169 -5.81 27.79 15.61
N ASP C 170 -6.79 26.96 15.92
CA ASP C 170 -6.61 25.52 15.88
C ASP C 170 -6.45 25.05 14.44
N PRO C 171 -5.59 24.08 14.19
CA PRO C 171 -5.41 23.59 12.82
C PRO C 171 -6.64 22.88 12.27
N LEU C 172 -7.56 22.47 13.13
CA LEU C 172 -8.72 21.68 12.72
C LEU C 172 -10.04 22.39 12.95
N HIS C 173 -10.20 23.06 14.10
CA HIS C 173 -11.43 23.78 14.43
C HIS C 173 -11.08 25.23 14.72
N PRO C 174 -10.75 26.00 13.69
CA PRO C 174 -10.32 27.38 13.91
C PRO C 174 -11.41 28.26 14.48
N GLY C 175 -12.56 28.24 13.84
CA GLY C 175 -13.63 29.12 14.21
C GLY C 175 -13.34 30.57 13.86
N GLY C 176 -14.19 31.45 14.39
CA GLY C 176 -14.15 32.82 13.98
C GLY C 176 -14.79 32.97 12.62
N ALA C 177 -13.95 33.12 11.59
CA ALA C 177 -14.46 33.25 10.24
C ALA C 177 -15.19 32.01 9.77
N PHE C 178 -14.94 30.85 10.38
CA PHE C 178 -15.64 29.63 10.00
C PHE C 178 -16.72 29.25 10.99
N ASP C 179 -17.24 30.22 11.74
CA ASP C 179 -18.49 30.08 12.48
C ASP C 179 -19.27 31.39 12.38
N PRO C 180 -19.77 31.72 11.21
CA PRO C 180 -20.65 32.89 11.10
C PRO C 180 -21.98 32.70 11.80
N LEU C 181 -22.40 31.46 12.02
CA LEU C 181 -23.64 31.16 12.73
C LEU C 181 -23.44 30.98 14.22
N GLY C 182 -22.23 30.63 14.64
CA GLY C 182 -21.95 30.44 16.05
C GLY C 182 -22.70 29.26 16.64
N LEU C 183 -22.35 28.05 16.23
CA LEU C 183 -22.97 26.85 16.77
C LEU C 183 -22.23 26.27 17.96
N ALA C 184 -20.94 26.57 18.09
CA ALA C 184 -20.06 25.84 18.99
C ALA C 184 -19.31 26.77 19.93
N ASP C 185 -20.04 27.68 20.59
CA ASP C 185 -19.46 28.48 21.64
C ASP C 185 -19.52 27.81 22.99
N ASP C 186 -20.46 26.88 23.18
CA ASP C 186 -20.46 26.07 24.41
C ASP C 186 -19.53 24.87 24.24
N PRO C 187 -18.73 24.51 25.24
CA PRO C 187 -17.82 23.38 25.06
C PRO C 187 -18.53 22.04 24.89
N ASP C 188 -19.68 21.84 25.54
CA ASP C 188 -20.38 20.57 25.40
C ASP C 188 -21.02 20.42 24.03
N THR C 189 -21.71 21.47 23.59
CA THR C 189 -22.21 21.49 22.21
C THR C 189 -21.05 21.35 21.22
N PHE C 190 -19.94 21.99 21.51
CA PHE C 190 -18.75 21.87 20.68
C PHE C 190 -18.31 20.41 20.56
N ALA C 191 -18.27 19.71 21.69
CA ALA C 191 -17.83 18.32 21.70
C ALA C 191 -18.78 17.43 20.94
N GLU C 192 -20.09 17.58 21.19
CA GLU C 192 -21.04 16.71 20.52
C GLU C 192 -21.09 16.99 19.03
N LEU C 193 -20.93 18.24 18.63
CA LEU C 193 -20.89 18.55 17.21
C LEU C 193 -19.60 18.07 16.58
N LYS C 194 -18.51 18.05 17.34
CA LYS C 194 -17.28 17.43 16.86
C LYS C 194 -17.51 15.96 16.55
N VAL C 195 -18.16 15.25 17.46
CA VAL C 195 -18.43 13.84 17.25
C VAL C 195 -19.34 13.65 16.05
N LYS C 196 -20.39 14.46 15.96
CA LYS C 196 -21.30 14.39 14.82
C LYS C 196 -20.56 14.63 13.51
N GLU C 197 -19.66 15.62 13.51
CA GLU C 197 -18.88 15.94 12.34
C GLU C 197 -18.05 14.75 11.91
N ILE C 198 -17.24 14.22 12.82
CA ILE C 198 -16.34 13.15 12.47
C ILE C 198 -17.09 11.88 12.11
N LYS C 199 -18.29 11.68 12.63
CA LYS C 199 -19.02 10.46 12.31
C LYS C 199 -19.74 10.57 10.98
N ASN C 200 -20.43 11.68 10.71
CA ASN C 200 -20.92 11.91 9.37
C ASN C 200 -19.80 11.84 8.36
N GLY C 201 -18.59 12.24 8.76
CA GLY C 201 -17.48 12.24 7.83
C GLY C 201 -16.92 10.86 7.58
N ARG C 202 -16.85 10.04 8.62
CA ARG C 202 -16.45 8.66 8.43
C ARG C 202 -17.46 7.91 7.58
N LEU C 203 -18.75 8.18 7.81
CA LEU C 203 -19.79 7.63 6.97
C LEU C 203 -19.60 8.05 5.52
N ALA C 204 -19.30 9.32 5.30
CA ALA C 204 -19.11 9.81 3.93
C ALA C 204 -17.85 9.23 3.31
N MET C 205 -16.81 9.02 4.08
CA MET C 205 -15.59 8.43 3.54
C MET C 205 -15.83 6.98 3.14
N PHE C 206 -16.51 6.22 3.99
CA PHE C 206 -16.92 4.88 3.63
C PHE C 206 -17.76 4.89 2.36
N SER C 207 -18.73 5.79 2.29
CA SER C 207 -19.63 5.84 1.16
C SER C 207 -18.91 6.29 -0.11
N MET C 208 -17.87 7.11 0.02
CA MET C 208 -17.12 7.55 -1.13
C MET C 208 -16.19 6.45 -1.63
N PHE C 209 -15.58 5.71 -0.70
CA PHE C 209 -14.88 4.50 -1.10
C PHE C 209 -15.81 3.58 -1.86
N GLY C 210 -17.05 3.44 -1.38
CA GLY C 210 -18.02 2.63 -2.08
C GLY C 210 -18.34 3.17 -3.45
N PHE C 211 -18.56 4.47 -3.56
CA PHE C 211 -18.71 5.11 -4.86
C PHE C 211 -17.60 4.68 -5.79
N PHE C 212 -16.36 4.79 -5.33
CA PHE C 212 -15.21 4.44 -6.17
C PHE C 212 -15.27 2.98 -6.61
N VAL C 213 -15.35 2.06 -5.65
CA VAL C 213 -15.21 0.66 -5.99
C VAL C 213 -16.36 0.22 -6.87
N GLN C 214 -17.56 0.71 -6.59
CA GLN C 214 -18.73 0.25 -7.30
C GLN C 214 -19.00 1.03 -8.58
N ALA C 215 -18.34 2.17 -8.77
CA ALA C 215 -18.25 2.75 -10.10
C ALA C 215 -17.29 1.95 -10.97
N ILE C 216 -16.16 1.55 -10.39
CA ILE C 216 -15.19 0.75 -11.15
C ILE C 216 -15.79 -0.60 -11.50
N VAL C 217 -16.56 -1.17 -10.59
CA VAL C 217 -17.12 -2.49 -10.77
C VAL C 217 -18.36 -2.44 -11.65
N THR C 218 -19.26 -1.49 -11.38
CA THR C 218 -20.54 -1.43 -12.06
C THR C 218 -20.49 -0.56 -13.31
N GLY C 219 -19.81 0.57 -13.24
CA GLY C 219 -19.76 1.49 -14.35
C GLY C 219 -20.95 2.40 -14.45
N LYS C 220 -21.81 2.42 -13.45
CA LYS C 220 -22.97 3.29 -13.39
C LYS C 220 -22.87 4.18 -12.17
N GLY C 221 -23.78 5.14 -12.08
CA GLY C 221 -23.78 6.07 -10.98
C GLY C 221 -24.22 5.45 -9.68
N PRO C 222 -24.11 6.20 -8.59
CA PRO C 222 -24.59 5.67 -7.30
C PRO C 222 -26.10 5.57 -7.25
N ILE C 223 -26.81 6.58 -7.76
CA ILE C 223 -28.26 6.59 -7.68
C ILE C 223 -28.84 5.50 -8.55
N GLN C 224 -28.22 5.26 -9.71
CA GLN C 224 -28.70 4.18 -10.57
C GLN C 224 -28.40 2.83 -9.96
N ASN C 225 -27.29 2.71 -9.23
CA ASN C 225 -27.02 1.48 -8.51
C ASN C 225 -28.07 1.24 -7.44
N LEU C 226 -28.49 2.29 -6.74
CA LEU C 226 -29.56 2.13 -5.76
C LEU C 226 -30.87 1.76 -6.43
N ASP C 227 -31.19 2.39 -7.56
CA ASP C 227 -32.40 2.06 -8.28
C ASP C 227 -32.40 0.61 -8.74
N ASP C 228 -31.26 0.14 -9.23
CA ASP C 228 -31.16 -1.25 -9.68
C ASP C 228 -31.25 -2.22 -8.51
N HIS C 229 -30.67 -1.85 -7.37
CA HIS C 229 -30.77 -2.70 -6.19
C HIS C 229 -32.20 -2.76 -5.67
N LEU C 230 -32.93 -1.66 -5.78
CA LEU C 230 -34.31 -1.62 -5.35
C LEU C 230 -35.23 -2.32 -6.33
N ALA C 231 -34.82 -2.44 -7.59
CA ALA C 231 -35.65 -3.13 -8.57
C ALA C 231 -35.60 -4.63 -8.39
N ASN C 232 -34.45 -5.17 -8.00
CA ASN C 232 -34.28 -6.60 -7.79
C ASN C 232 -33.16 -6.82 -6.79
N PRO C 233 -33.45 -6.74 -5.49
CA PRO C 233 -32.36 -6.72 -4.52
C PRO C 233 -31.55 -7.99 -4.46
N THR C 234 -32.15 -9.13 -4.77
CA THR C 234 -31.50 -10.42 -4.55
C THR C 234 -30.60 -10.84 -5.70
N ALA C 235 -30.77 -10.24 -6.89
CA ALA C 235 -29.99 -10.59 -8.07
C ALA C 235 -29.44 -9.36 -8.75
N VAL C 236 -29.47 -8.21 -8.07
CA VAL C 236 -28.88 -6.97 -8.54
C VAL C 236 -27.83 -6.47 -7.56
N ASN C 237 -27.27 -7.34 -6.73
CA ASN C 237 -26.31 -6.89 -5.74
C ASN C 237 -24.90 -7.02 -6.32
N ALA C 238 -23.90 -6.78 -5.48
CA ALA C 238 -22.52 -6.77 -5.94
C ALA C 238 -22.08 -8.14 -6.44
N PHE C 239 -22.63 -9.21 -5.87
CA PHE C 239 -22.20 -10.54 -6.25
C PHE C 239 -22.52 -10.86 -7.71
N ALA C 240 -23.42 -10.08 -8.33
CA ALA C 240 -23.65 -10.21 -9.75
C ALA C 240 -22.45 -9.76 -10.57
N TYR C 241 -21.58 -8.92 -10.00
CA TYR C 241 -20.37 -8.46 -10.67
C TYR C 241 -19.11 -9.08 -10.07
N ALA C 242 -19.24 -10.26 -9.47
CA ALA C 242 -18.10 -10.86 -8.78
C ALA C 242 -17.11 -11.51 -9.74
N THR C 243 -17.59 -12.17 -10.79
CA THR C 243 -16.74 -12.83 -11.77
C THR C 243 -16.25 -11.87 -12.83
N LYS C 244 -16.17 -10.58 -12.52
CA LYS C 244 -15.85 -9.58 -13.52
C LYS C 244 -14.34 -9.45 -13.70
N PHE C 245 -13.58 -9.59 -12.61
CA PHE C 245 -12.14 -9.39 -12.62
C PHE C 245 -11.36 -10.69 -12.58
N THR C 246 -11.94 -11.76 -13.05
CA THR C 246 -11.17 -13.00 -13.03
C THR C 246 -10.24 -13.04 -14.24
N PRO C 247 -8.98 -13.41 -14.04
CA PRO C 247 -8.02 -13.33 -15.15
C PRO C 247 -8.38 -14.20 -16.34
N SER C 248 -8.65 -15.48 -16.10
CA SER C 248 -9.03 -16.41 -17.16
C SER C 248 -8.02 -16.39 -18.30
N ALA C 249 -6.78 -16.70 -17.95
CA ALA C 249 -5.69 -16.74 -18.91
C ALA C 249 -5.67 -15.46 -19.75
#